data_6UG3
# 
_entry.id   6UG3 
# 
_audit_conform.dict_name       mmcif_pdbx.dic 
_audit_conform.dict_version    5.397 
_audit_conform.dict_location   http://mmcif.pdb.org/dictionaries/ascii/mmcif_pdbx.dic 
# 
loop_
_database_2.database_id 
_database_2.database_code 
_database_2.pdbx_database_accession 
_database_2.pdbx_DOI 
PDB   6UG3         pdb_00006ug3 10.2210/pdb6ug3/pdb 
WWPDB D_1000244563 ?            ?                   
# 
loop_
_pdbx_audit_revision_history.ordinal 
_pdbx_audit_revision_history.data_content_type 
_pdbx_audit_revision_history.major_revision 
_pdbx_audit_revision_history.minor_revision 
_pdbx_audit_revision_history.revision_date 
1 'Structure model' 1 0 2020-12-02 
2 'Structure model' 1 1 2024-10-23 
# 
_pdbx_audit_revision_details.ordinal             1 
_pdbx_audit_revision_details.revision_ordinal    1 
_pdbx_audit_revision_details.data_content_type   'Structure model' 
_pdbx_audit_revision_details.provider            repository 
_pdbx_audit_revision_details.type                'Initial release' 
_pdbx_audit_revision_details.description         ? 
_pdbx_audit_revision_details.details             ? 
# 
loop_
_pdbx_audit_revision_group.ordinal 
_pdbx_audit_revision_group.revision_ordinal 
_pdbx_audit_revision_group.data_content_type 
_pdbx_audit_revision_group.group 
1 2 'Structure model' 'Data collection'     
2 2 'Structure model' 'Database references' 
3 2 'Structure model' 'Structure summary'   
# 
loop_
_pdbx_audit_revision_category.ordinal 
_pdbx_audit_revision_category.revision_ordinal 
_pdbx_audit_revision_category.data_content_type 
_pdbx_audit_revision_category.category 
1 2 'Structure model' chem_comp_atom            
2 2 'Structure model' chem_comp_bond            
3 2 'Structure model' database_2                
4 2 'Structure model' pdbx_entry_details        
5 2 'Structure model' pdbx_modification_feature 
# 
loop_
_pdbx_audit_revision_item.ordinal 
_pdbx_audit_revision_item.revision_ordinal 
_pdbx_audit_revision_item.data_content_type 
_pdbx_audit_revision_item.item 
1 2 'Structure model' '_database_2.pdbx_DOI'                         
2 2 'Structure model' '_database_2.pdbx_database_accession'          
3 2 'Structure model' '_pdbx_entry_details.has_protein_modification' 
# 
_pdbx_database_status.status_code                     REL 
_pdbx_database_status.status_code_sf                  REL 
_pdbx_database_status.status_code_mr                  ? 
_pdbx_database_status.entry_id                        6UG3 
_pdbx_database_status.recvd_initial_deposition_date   2019-09-25 
_pdbx_database_status.SG_entry                        N 
_pdbx_database_status.deposit_site                    RCSB 
_pdbx_database_status.process_site                    RCSB 
_pdbx_database_status.status_code_cs                  ? 
_pdbx_database_status.methods_development_category    ? 
_pdbx_database_status.pdb_format_compatible           Y 
_pdbx_database_status.status_code_nmr_data            ? 
# 
loop_
_audit_author.name 
_audit_author.pdbx_ordinal 
_audit_author.identifier_ORCID 
'Mulligan, V.K.'  1 0000-0001-6038-8922 
'Kang, C.S.'      2 0000-0003-0959-0783 
'Antselovich, I.' 3 0000-0002-2208-9937 
'Sawaya, M.R.'    4 0000-0003-0874-9043 
'Yeates, T.O.'    5 0000-0001-5709-9839 
'Baker, D.'       6 0000-0001-7896-6217 
# 
_citation.abstract                  ? 
_citation.abstract_id_CAS           ? 
_citation.book_id_ISBN              ? 
_citation.book_publisher            ? 
_citation.book_publisher_city       ? 
_citation.book_title                ? 
_citation.coordinate_linkage        ? 
_citation.country                   US 
_citation.database_id_Medline       ? 
_citation.details                   ? 
_citation.id                        primary 
_citation.journal_abbrev            'Protein Sci.' 
_citation.journal_id_ASTM           PRCIEI 
_citation.journal_id_CSD            0795 
_citation.journal_id_ISSN           1469-896X 
_citation.journal_full              ? 
_citation.journal_issue             ? 
_citation.journal_volume            29 
_citation.language                  ? 
_citation.page_first                2433 
_citation.page_last                 2445 
_citation.title                     'Computational design of mixed chirality peptide macrocycles with internal symmetry.' 
_citation.year                      2020 
_citation.database_id_CSD           ? 
_citation.pdbx_database_id_DOI      10.1002/pro.3974 
_citation.pdbx_database_id_PubMed   33058266 
_citation.unpublished_flag          ? 
# 
loop_
_citation_author.citation_id 
_citation_author.name 
_citation_author.ordinal 
_citation_author.identifier_ORCID 
primary 'Mulligan, V.K.'  1  0000-0001-6038-8922 
primary 'Kang, C.S.'      2  0000-0003-0959-0783 
primary 'Sawaya, M.R.'    3  ?                   
primary 'Rettie, S.'      4  ?                   
primary 'Li, X.'          5  ?                   
primary 'Antselovich, I.' 6  ?                   
primary 'Craven, T.W.'    7  ?                   
primary 'Watkins, A.M.'   8  ?                   
primary 'Labonte, J.W.'   9  ?                   
primary 'DiMaio, F.'      10 ?                   
primary 'Yeates, T.O.'    11 0000-0001-5709-9839 
primary 'Baker, D.'       12 ?                   
# 
loop_
_entity.id 
_entity.type 
_entity.src_method 
_entity.pdbx_description 
_entity.formula_weight 
_entity.pdbx_number_of_molecules 
_entity.pdbx_ec 
_entity.pdbx_mutation 
_entity.pdbx_fragment 
_entity.details 
1 polymer     syn 'C3-1, Sporty, crystal form 1' 1423.597 2  ? ? ? ? 
2 non-polymer syn 'SULFATE ION'                  96.063   1  ? ? ? ? 
3 water       nat water                          18.015   28 ? ? ? ? 
# 
_entity_poly.entity_id                      1 
_entity_poly.type                           'polypeptide(L)' 
_entity_poly.nstd_linkage                   no 
_entity_poly.nstd_monomer                   yes 
_entity_poly.pdbx_seq_one_letter_code       'PR(DVA)DPR(DVA)DPR(DVA)D' 
_entity_poly.pdbx_seq_one_letter_code_can   PRVDPRVDPRVD 
_entity_poly.pdbx_strand_id                 A,B 
_entity_poly.pdbx_target_identifier         ? 
# 
loop_
_pdbx_entity_nonpoly.entity_id 
_pdbx_entity_nonpoly.name 
_pdbx_entity_nonpoly.comp_id 
2 'SULFATE ION' SO4 
3 water         HOH 
# 
loop_
_entity_poly_seq.entity_id 
_entity_poly_seq.num 
_entity_poly_seq.mon_id 
_entity_poly_seq.hetero 
1 1  PRO n 
1 2  ARG n 
1 3  DVA n 
1 4  ASP n 
1 5  PRO n 
1 6  ARG n 
1 7  DVA n 
1 8  ASP n 
1 9  PRO n 
1 10 ARG n 
1 11 DVA n 
1 12 ASP n 
# 
_pdbx_entity_src_syn.entity_id              1 
_pdbx_entity_src_syn.pdbx_src_id            1 
_pdbx_entity_src_syn.pdbx_alt_source_flag   sample 
_pdbx_entity_src_syn.pdbx_beg_seq_num       1 
_pdbx_entity_src_syn.pdbx_end_seq_num       12 
_pdbx_entity_src_syn.organism_scientific    'synthetic construct' 
_pdbx_entity_src_syn.organism_common_name   ? 
_pdbx_entity_src_syn.ncbi_taxonomy_id       32630 
_pdbx_entity_src_syn.details                'ab initio design' 
# 
loop_
_chem_comp.id 
_chem_comp.type 
_chem_comp.mon_nstd_flag 
_chem_comp.name 
_chem_comp.pdbx_synonyms 
_chem_comp.formula 
_chem_comp.formula_weight 
ARG 'L-peptide linking' y ARGININE        ? 'C6 H15 N4 O2 1' 175.209 
ASP 'L-peptide linking' y 'ASPARTIC ACID' ? 'C4 H7 N O4'     133.103 
DVA 'D-peptide linking' . D-VALINE        ? 'C5 H11 N O2'    117.146 
HOH non-polymer         . WATER           ? 'H2 O'           18.015  
PRO 'L-peptide linking' y PROLINE         ? 'C5 H9 N O2'     115.130 
SO4 non-polymer         . 'SULFATE ION'   ? 'O4 S -2'        96.063  
# 
loop_
_pdbx_poly_seq_scheme.asym_id 
_pdbx_poly_seq_scheme.entity_id 
_pdbx_poly_seq_scheme.seq_id 
_pdbx_poly_seq_scheme.mon_id 
_pdbx_poly_seq_scheme.ndb_seq_num 
_pdbx_poly_seq_scheme.pdb_seq_num 
_pdbx_poly_seq_scheme.auth_seq_num 
_pdbx_poly_seq_scheme.pdb_mon_id 
_pdbx_poly_seq_scheme.auth_mon_id 
_pdbx_poly_seq_scheme.pdb_strand_id 
_pdbx_poly_seq_scheme.pdb_ins_code 
_pdbx_poly_seq_scheme.hetero 
A 1 1  PRO 1  1  1  PRO PRO A . n 
A 1 2  ARG 2  2  2  ARG ARG A . n 
A 1 3  DVA 3  3  3  DVA DVA A . n 
A 1 4  ASP 4  4  4  ASP ASP A . n 
A 1 5  PRO 5  5  5  PRO PRO A . n 
A 1 6  ARG 6  6  6  ARG ARG A . n 
A 1 7  DVA 7  7  7  DVA DVA A . n 
A 1 8  ASP 8  8  8  ASP ASP A . n 
A 1 9  PRO 9  9  9  PRO PRO A . n 
A 1 10 ARG 10 10 10 ARG ARG A . n 
A 1 11 DVA 11 11 11 DVA DVA A . n 
A 1 12 ASP 12 12 12 ASP ASP A . n 
B 1 1  PRO 1  1  1  PRO PRO B . n 
B 1 2  ARG 2  2  2  ARG ARG B . n 
B 1 3  DVA 3  3  3  DVA DVA B . n 
B 1 4  ASP 4  4  4  ASP ASP B . n 
B 1 5  PRO 5  5  5  PRO PRO B . n 
B 1 6  ARG 6  6  6  ARG ARG B . n 
B 1 7  DVA 7  7  7  DVA DVA B . n 
B 1 8  ASP 8  8  8  ASP ASP B . n 
B 1 9  PRO 9  9  9  PRO PRO B . n 
B 1 10 ARG 10 10 10 ARG ARG B . n 
B 1 11 DVA 11 11 11 DVA DVA B . n 
B 1 12 ASP 12 12 12 ASP ASP B . n 
# 
loop_
_pdbx_nonpoly_scheme.asym_id 
_pdbx_nonpoly_scheme.entity_id 
_pdbx_nonpoly_scheme.mon_id 
_pdbx_nonpoly_scheme.ndb_seq_num 
_pdbx_nonpoly_scheme.pdb_seq_num 
_pdbx_nonpoly_scheme.auth_seq_num 
_pdbx_nonpoly_scheme.pdb_mon_id 
_pdbx_nonpoly_scheme.auth_mon_id 
_pdbx_nonpoly_scheme.pdb_strand_id 
_pdbx_nonpoly_scheme.pdb_ins_code 
C 2 SO4 1  101 1  SO4 SO4 A . 
D 3 HOH 1  201 29 HOH HOH A . 
D 3 HOH 2  202 17 HOH HOH A . 
D 3 HOH 3  203 5  HOH HOH A . 
D 3 HOH 4  204 4  HOH HOH A . 
D 3 HOH 5  205 8  HOH HOH A . 
D 3 HOH 6  206 23 HOH HOH A . 
D 3 HOH 7  207 18 HOH HOH A . 
D 3 HOH 8  208 25 HOH HOH A . 
D 3 HOH 9  209 3  HOH HOH A . 
D 3 HOH 10 210 22 HOH HOH A . 
D 3 HOH 11 211 14 HOH HOH A . 
D 3 HOH 12 212 19 HOH HOH A . 
D 3 HOH 13 213 26 HOH HOH A . 
D 3 HOH 14 214 24 HOH HOH A . 
E 3 HOH 1  101 11 HOH HOH B . 
E 3 HOH 2  102 12 HOH HOH B . 
E 3 HOH 3  103 16 HOH HOH B . 
E 3 HOH 4  104 7  HOH HOH B . 
E 3 HOH 5  105 15 HOH HOH B . 
E 3 HOH 6  106 6  HOH HOH B . 
E 3 HOH 7  107 9  HOH HOH B . 
E 3 HOH 8  108 20 HOH HOH B . 
E 3 HOH 9  109 27 HOH HOH B . 
E 3 HOH 10 110 2  HOH HOH B . 
E 3 HOH 11 111 28 HOH HOH B . 
E 3 HOH 12 112 13 HOH HOH B . 
E 3 HOH 13 113 10 HOH HOH B . 
E 3 HOH 14 114 21 HOH HOH B . 
# 
loop_
_software.citation_id 
_software.classification 
_software.compiler_name 
_software.compiler_version 
_software.contact_author 
_software.contact_author_email 
_software.date 
_software.description 
_software.dependencies 
_software.hardware 
_software.language 
_software.location 
_software.mods 
_software.name 
_software.os 
_software.os_version 
_software.type 
_software.version 
_software.pdbx_ordinal 
? 'data reduction'  ? ? ? ? ? ? ? ? ? ? ? XDS         ? ? ? 20180126 1 
? 'data scaling'    ? ? ? ? ? ? ? ? ? ? ? XSCALE      ? ? ? 20180126 2 
? refinement        ? ? ? ? ? ? ? ? ? ? ? REFMAC      ? ? ? 5.8.0253 3 
? 'data extraction' ? ? ? ? ? ? ? ? ? ? ? PDB_EXTRACT ? ? ? 3.25     4 
? phasing           ? ? ? ? ? ? ? ? ? ? ? SHELXD      ? ? ? .        5 
# 
_cell.angle_alpha                  90.000 
_cell.angle_alpha_esd              ? 
_cell.angle_beta                   110.899 
_cell.angle_beta_esd               ? 
_cell.angle_gamma                  90.000 
_cell.angle_gamma_esd              ? 
_cell.entry_id                     6UG3 
_cell.details                      ? 
_cell.formula_units_Z              ? 
_cell.length_a                     44.500 
_cell.length_a_esd                 ? 
_cell.length_b                     25.010 
_cell.length_b_esd                 ? 
_cell.length_c                     35.540 
_cell.length_c_esd                 ? 
_cell.volume                       ? 
_cell.volume_esd                   ? 
_cell.Z_PDB                        16 
_cell.reciprocal_angle_alpha       ? 
_cell.reciprocal_angle_beta        ? 
_cell.reciprocal_angle_gamma       ? 
_cell.reciprocal_angle_alpha_esd   ? 
_cell.reciprocal_angle_beta_esd    ? 
_cell.reciprocal_angle_gamma_esd   ? 
_cell.reciprocal_length_a          ? 
_cell.reciprocal_length_b          ? 
_cell.reciprocal_length_c          ? 
_cell.reciprocal_length_a_esd      ? 
_cell.reciprocal_length_b_esd      ? 
_cell.reciprocal_length_c_esd      ? 
_cell.pdbx_unique_axis             ? 
# 
_symmetry.entry_id                         6UG3 
_symmetry.cell_setting                     ? 
_symmetry.Int_Tables_number                15 
_symmetry.space_group_name_Hall            ? 
_symmetry.space_group_name_H-M             'C 1 2/c 1' 
_symmetry.pdbx_full_space_group_name_H-M   ? 
# 
_exptl.absorpt_coefficient_mu     ? 
_exptl.absorpt_correction_T_max   ? 
_exptl.absorpt_correction_T_min   ? 
_exptl.absorpt_correction_type    ? 
_exptl.absorpt_process_details    ? 
_exptl.entry_id                   6UG3 
_exptl.crystals_number            1 
_exptl.details                    ? 
_exptl.method                     'X-RAY DIFFRACTION' 
_exptl.method_details             ? 
# 
_exptl_crystal.colour                      ? 
_exptl_crystal.density_diffrn              ? 
_exptl_crystal.density_Matthews            1.62 
_exptl_crystal.density_method              ? 
_exptl_crystal.density_percent_sol         24.18 
_exptl_crystal.description                 ? 
_exptl_crystal.F_000                       ? 
_exptl_crystal.id                          1 
_exptl_crystal.preparation                 ? 
_exptl_crystal.size_max                    ? 
_exptl_crystal.size_mid                    ? 
_exptl_crystal.size_min                    ? 
_exptl_crystal.size_rad                    ? 
_exptl_crystal.colour_lustre               ? 
_exptl_crystal.colour_modifier             ? 
_exptl_crystal.colour_primary              ? 
_exptl_crystal.density_meas                ? 
_exptl_crystal.density_meas_esd            ? 
_exptl_crystal.density_meas_gt             ? 
_exptl_crystal.density_meas_lt             ? 
_exptl_crystal.density_meas_temp           ? 
_exptl_crystal.density_meas_temp_esd       ? 
_exptl_crystal.density_meas_temp_gt        ? 
_exptl_crystal.density_meas_temp_lt        ? 
_exptl_crystal.pdbx_crystal_image_url      ? 
_exptl_crystal.pdbx_crystal_image_format   ? 
_exptl_crystal.pdbx_mosaicity              ? 
_exptl_crystal.pdbx_mosaicity_esd          ? 
# 
_exptl_crystal_grow.apparatus       ? 
_exptl_crystal_grow.atmosphere      ? 
_exptl_crystal_grow.crystal_id      1 
_exptl_crystal_grow.details         ? 
_exptl_crystal_grow.method          'VAPOR DIFFUSION, HANGING DROP' 
_exptl_crystal_grow.method_ref      ? 
_exptl_crystal_grow.pH              9.5 
_exptl_crystal_grow.pressure        ? 
_exptl_crystal_grow.pressure_esd    ? 
_exptl_crystal_grow.seeding         ? 
_exptl_crystal_grow.seeding_ref     ? 
_exptl_crystal_grow.temp            298 
_exptl_crystal_grow.temp_details    ? 
_exptl_crystal_grow.temp_esd        ? 
_exptl_crystal_grow.time            ? 
_exptl_crystal_grow.pdbx_details    '1.0 M sodium potassium tartrate, 0.2 M lithium sulfate, 0.1 M CHES pH 9.5' 
_exptl_crystal_grow.pdbx_pH_range   ? 
# 
_diffrn.ambient_environment              ? 
_diffrn.ambient_temp                     100 
_diffrn.ambient_temp_details             ? 
_diffrn.ambient_temp_esd                 ? 
_diffrn.crystal_id                       1 
_diffrn.crystal_support                  ? 
_diffrn.crystal_treatment                ? 
_diffrn.details                          ? 
_diffrn.id                               1 
_diffrn.ambient_pressure                 ? 
_diffrn.ambient_pressure_esd             ? 
_diffrn.ambient_pressure_gt              ? 
_diffrn.ambient_pressure_lt              ? 
_diffrn.ambient_temp_gt                  ? 
_diffrn.ambient_temp_lt                  ? 
_diffrn.pdbx_serial_crystal_experiment   N 
# 
_diffrn_detector.details                      ? 
_diffrn_detector.detector                     PIXEL 
_diffrn_detector.diffrn_id                    1 
_diffrn_detector.type                         'DECTRIS EIGER X 16M' 
_diffrn_detector.area_resol_mean              ? 
_diffrn_detector.dtime                        ? 
_diffrn_detector.pdbx_frames_total            ? 
_diffrn_detector.pdbx_collection_time_total   ? 
_diffrn_detector.pdbx_collection_date         2018-03-22 
_diffrn_detector.pdbx_frequency               ? 
# 
_diffrn_radiation.collimation                      ? 
_diffrn_radiation.diffrn_id                        1 
_diffrn_radiation.filter_edge                      ? 
_diffrn_radiation.inhomogeneity                    ? 
_diffrn_radiation.monochromator                    'Si (111)' 
_diffrn_radiation.polarisn_norm                    ? 
_diffrn_radiation.polarisn_ratio                   ? 
_diffrn_radiation.probe                            ? 
_diffrn_radiation.type                             ? 
_diffrn_radiation.xray_symbol                      ? 
_diffrn_radiation.wavelength_id                    1 
_diffrn_radiation.pdbx_monochromatic_or_laue_m_l   M 
_diffrn_radiation.pdbx_wavelength_list             ? 
_diffrn_radiation.pdbx_wavelength                  ? 
_diffrn_radiation.pdbx_diffrn_protocol             'SINGLE WAVELENGTH' 
_diffrn_radiation.pdbx_analyzer                    ? 
_diffrn_radiation.pdbx_scattering_type             x-ray 
# 
_diffrn_radiation_wavelength.id           1 
_diffrn_radiation_wavelength.wavelength   0.97918 
_diffrn_radiation_wavelength.wt           1.0 
# 
_diffrn_source.current                     ? 
_diffrn_source.details                     ? 
_diffrn_source.diffrn_id                   1 
_diffrn_source.power                       ? 
_diffrn_source.size                        ? 
_diffrn_source.source                      SYNCHROTRON 
_diffrn_source.target                      ? 
_diffrn_source.type                        'APS BEAMLINE 24-ID-E' 
_diffrn_source.voltage                     ? 
_diffrn_source.take-off_angle              ? 
_diffrn_source.pdbx_wavelength_list        0.97918 
_diffrn_source.pdbx_wavelength             ? 
_diffrn_source.pdbx_synchrotron_beamline   24-ID-E 
_diffrn_source.pdbx_synchrotron_site       APS 
# 
_reflns.B_iso_Wilson_estimate            13.866 
_reflns.entry_id                         6UG3 
_reflns.data_reduction_details           ? 
_reflns.data_reduction_method            ? 
_reflns.d_resolution_high                1.100 
_reflns.d_resolution_low                 21.44 
_reflns.details                          ? 
_reflns.limit_h_max                      ? 
_reflns.limit_h_min                      ? 
_reflns.limit_k_max                      ? 
_reflns.limit_k_min                      ? 
_reflns.limit_l_max                      ? 
_reflns.limit_l_min                      ? 
_reflns.number_all                       ? 
_reflns.number_obs                       14892 
_reflns.observed_criterion               ? 
_reflns.observed_criterion_F_max         ? 
_reflns.observed_criterion_F_min         ? 
_reflns.observed_criterion_I_max         ? 
_reflns.observed_criterion_I_min         ? 
_reflns.observed_criterion_sigma_F       ? 
_reflns.observed_criterion_sigma_I       ? 
_reflns.percent_possible_obs             98.900 
_reflns.R_free_details                   ? 
_reflns.Rmerge_F_all                     ? 
_reflns.Rmerge_F_obs                     ? 
_reflns.Friedel_coverage                 ? 
_reflns.number_gt                        ? 
_reflns.threshold_expression             ? 
_reflns.pdbx_redundancy                  6.312 
_reflns.pdbx_Rmerge_I_obs                0.026 
_reflns.pdbx_Rmerge_I_all                ? 
_reflns.pdbx_Rsym_value                  ? 
_reflns.pdbx_netI_over_av_sigmaI         ? 
_reflns.pdbx_netI_over_sigmaI            24.730 
_reflns.pdbx_res_netI_over_av_sigmaI_2   ? 
_reflns.pdbx_res_netI_over_sigmaI_2      ? 
_reflns.pdbx_chi_squared                 1.145 
_reflns.pdbx_scaling_rejects             ? 
_reflns.pdbx_d_res_high_opt              ? 
_reflns.pdbx_d_res_low_opt               ? 
_reflns.pdbx_d_res_opt_method            ? 
_reflns.phase_calculation_details        ? 
_reflns.pdbx_Rrim_I_all                  0.029 
_reflns.pdbx_Rpim_I_all                  ? 
_reflns.pdbx_d_opt                       ? 
_reflns.pdbx_number_measured_all         ? 
_reflns.pdbx_diffrn_id                   1 
_reflns.pdbx_ordinal                     1 
_reflns.pdbx_CC_half                     1.000 
_reflns.pdbx_R_split                     ? 
_reflns.pdbx_CC_star                     ? 
# 
loop_
_reflns_shell.d_res_high 
_reflns_shell.d_res_low 
_reflns_shell.meanI_over_sigI_all 
_reflns_shell.meanI_over_sigI_obs 
_reflns_shell.number_measured_all 
_reflns_shell.number_measured_obs 
_reflns_shell.number_possible 
_reflns_shell.number_unique_all 
_reflns_shell.number_unique_obs 
_reflns_shell.percent_possible_all 
_reflns_shell.percent_possible_obs 
_reflns_shell.Rmerge_F_all 
_reflns_shell.Rmerge_F_obs 
_reflns_shell.Rmerge_I_all 
_reflns_shell.Rmerge_I_obs 
_reflns_shell.meanI_over_sigI_gt 
_reflns_shell.meanI_over_uI_all 
_reflns_shell.meanI_over_uI_gt 
_reflns_shell.number_measured_gt 
_reflns_shell.number_unique_gt 
_reflns_shell.percent_possible_gt 
_reflns_shell.Rmerge_F_gt 
_reflns_shell.Rmerge_I_gt 
_reflns_shell.pdbx_redundancy 
_reflns_shell.pdbx_Rsym_value 
_reflns_shell.pdbx_chi_squared 
_reflns_shell.pdbx_netI_over_sigmaI_all 
_reflns_shell.pdbx_netI_over_sigmaI_obs 
_reflns_shell.pdbx_Rrim_I_all 
_reflns_shell.pdbx_Rpim_I_all 
_reflns_shell.pdbx_rejects 
_reflns_shell.pdbx_ordinal 
_reflns_shell.pdbx_diffrn_id 
_reflns_shell.pdbx_CC_half 
_reflns_shell.pdbx_R_split 
_reflns_shell.pdbx_CC_star 
1.100 1.130 ? 5.620  ? ? ? ? 1008 91.600  ? ? ? ? 0.179 ? ? ? ? ? ? ? ? 4.771 ? ? ? ? 0.202 ? ? 1  1 0.989 ? ? 
1.130 1.160 ? 7.520  ? ? ? ? 1087 99.900  ? ? ? ? 0.151 ? ? ? ? ? ? ? ? 5.963 ? ? ? ? 0.166 ? ? 2  1 0.996 ? ? 
1.160 1.190 ? 8.360  ? ? ? ? 1034 99.300  ? ? ? ? 0.139 ? ? ? ? ? ? ? ? 6.187 ? ? ? ? 0.152 ? ? 3  1 0.995 ? ? 
1.190 1.230 ? 8.410  ? ? ? ? 1005 99.700  ? ? ? ? 0.131 ? ? ? ? ? ? ? ? 6.062 ? ? ? ? 0.143 ? ? 4  1 0.997 ? ? 
1.230 1.270 ? 10.100 ? ? ? ? 1009 99.800  ? ? ? ? 0.122 ? ? ? ? ? ? ? ? 6.418 ? ? ? ? 0.134 ? ? 5  1 0.995 ? ? 
1.270 1.310 ? 10.910 ? ? ? ? 949  99.500  ? ? ? ? 0.110 ? ? ? ? ? ? ? ? 6.038 ? ? ? ? 0.120 ? ? 6  1 0.995 ? ? 
1.310 1.360 ? 13.900 ? ? ? ? 912  99.900  ? ? ? ? 0.092 ? ? ? ? ? ? ? ? 6.378 ? ? ? ? 0.100 ? ? 7  1 0.997 ? ? 
1.360 1.420 ? 17.210 ? ? ? ? 886  99.400  ? ? ? ? 0.073 ? ? ? ? ? ? ? ? 6.761 ? ? ? ? 0.079 ? ? 8  1 0.999 ? ? 
1.420 1.480 ? 20.760 ? ? ? ? 835  100.000 ? ? ? ? 0.064 ? ? ? ? ? ? ? ? 6.659 ? ? ? ? 0.069 ? ? 9  1 0.998 ? ? 
1.480 1.560 ? 21.860 ? ? ? ? 813  99.500  ? ? ? ? 0.063 ? ? ? ? ? ? ? ? 6.649 ? ? ? ? 0.068 ? ? 10 1 0.999 ? ? 
1.560 1.640 ? 26.910 ? ? ? ? 771  99.200  ? ? ? ? 0.048 ? ? ? ? ? ? ? ? 6.674 ? ? ? ? 0.053 ? ? 11 1 0.999 ? ? 
1.640 1.740 ? 30.700 ? ? ? ? 739  99.300  ? ? ? ? 0.040 ? ? ? ? ? ? ? ? 6.189 ? ? ? ? 0.044 ? ? 12 1 0.999 ? ? 
1.740 1.860 ? 36.960 ? ? ? ? 677  99.000  ? ? ? ? 0.032 ? ? ? ? ? ? ? ? 6.470 ? ? ? ? 0.035 ? ? 13 1 0.999 ? ? 
1.860 2.010 ? 45.020 ? ? ? ? 641  99.700  ? ? ? ? 0.028 ? ? ? ? ? ? ? ? 7.031 ? ? ? ? 0.030 ? ? 14 1 1.000 ? ? 
2.010 2.200 ? 53.110 ? ? ? ? 600  100.000 ? ? ? ? 0.023 ? ? ? ? ? ? ? ? 6.838 ? ? ? ? 0.025 ? ? 15 1 1.000 ? ? 
2.200 2.460 ? 55.700 ? ? ? ? 539  99.800  ? ? ? ? 0.021 ? ? ? ? ? ? ? ? 6.748 ? ? ? ? 0.023 ? ? 16 1 1.000 ? ? 
2.460 2.840 ? 62.710 ? ? ? ? 488  98.200  ? ? ? ? 0.020 ? ? ? ? ? ? ? ? 6.684 ? ? ? ? 0.022 ? ? 17 1 1.000 ? ? 
2.840 3.480 ? 65.500 ? ? ? ? 392  98.200  ? ? ? ? 0.017 ? ? ? ? ? ? ? ? 5.875 ? ? ? ? 0.018 ? ? 18 1 1.000 ? ? 
3.480 4.920 ? 78.510 ? ? ? ? 319  98.500  ? ? ? ? 0.015 ? ? ? ? ? ? ? ? 6.815 ? ? ? ? 0.016 ? ? 19 1 1.000 ? ? 
4.920 21.43 ? 70.290 ? ? ? ? 188  98.400  ? ? ? ? 0.016 ? ? ? ? ? ? ? ? 6.165 ? ? ? ? 0.018 ? ? 20 1 1.000 ? ? 
# 
_refine.aniso_B[1][1]                            -0.504 
_refine.aniso_B[1][2]                            0.000 
_refine.aniso_B[1][3]                            0.339 
_refine.aniso_B[2][2]                            -0.508 
_refine.aniso_B[2][3]                            0.000 
_refine.aniso_B[3][3]                            0.583 
_refine.B_iso_max                                ? 
_refine.B_iso_mean                               14.330 
_refine.B_iso_min                                ? 
_refine.correlation_coeff_Fo_to_Fc               0.979 
_refine.correlation_coeff_Fo_to_Fc_free          0.970 
_refine.details                                  'Hydrogens have been added in their riding positions' 
_refine.diff_density_max                         ? 
_refine.diff_density_max_esd                     ? 
_refine.diff_density_min                         ? 
_refine.diff_density_min_esd                     ? 
_refine.diff_density_rms                         ? 
_refine.diff_density_rms_esd                     ? 
_refine.entry_id                                 6UG3 
_refine.pdbx_refine_id                           'X-RAY DIFFRACTION' 
_refine.ls_abs_structure_details                 ? 
_refine.ls_abs_structure_Flack                   ? 
_refine.ls_abs_structure_Flack_esd               ? 
_refine.ls_abs_structure_Rogers                  ? 
_refine.ls_abs_structure_Rogers_esd              ? 
_refine.ls_d_res_high                            1.100 
_refine.ls_d_res_low                             21.43 
_refine.ls_extinction_coef                       ? 
_refine.ls_extinction_coef_esd                   ? 
_refine.ls_extinction_expression                 ? 
_refine.ls_extinction_method                     ? 
_refine.ls_goodness_of_fit_all                   ? 
_refine.ls_goodness_of_fit_all_esd               ? 
_refine.ls_goodness_of_fit_obs                   ? 
_refine.ls_goodness_of_fit_obs_esd               ? 
_refine.ls_hydrogen_treatment                    ? 
_refine.ls_matrix_type                           ? 
_refine.ls_number_constraints                    ? 
_refine.ls_number_parameters                     ? 
_refine.ls_number_reflns_all                     ? 
_refine.ls_number_reflns_obs                     14415 
_refine.ls_number_reflns_R_free                  1442 
_refine.ls_number_reflns_R_work                  ? 
_refine.ls_number_restraints                     ? 
_refine.ls_percent_reflns_obs                    99.072 
_refine.ls_percent_reflns_R_free                 10.003 
_refine.ls_R_factor_all                          0.161 
_refine.ls_R_factor_obs                          ? 
_refine.ls_R_factor_R_free                       0.1876 
_refine.ls_R_factor_R_free_error                 ? 
_refine.ls_R_factor_R_free_error_details         ? 
_refine.ls_R_factor_R_work                       0.1584 
_refine.ls_R_Fsqd_factor_obs                     ? 
_refine.ls_R_I_factor_obs                        ? 
_refine.ls_redundancy_reflns_all                 ? 
_refine.ls_redundancy_reflns_obs                 ? 
_refine.ls_restrained_S_all                      ? 
_refine.ls_restrained_S_obs                      ? 
_refine.ls_shift_over_esd_max                    ? 
_refine.ls_shift_over_esd_mean                   ? 
_refine.ls_structure_factor_coef                 ? 
_refine.ls_weighting_details                     ? 
_refine.ls_weighting_scheme                      ? 
_refine.ls_wR_factor_all                         ? 
_refine.ls_wR_factor_obs                         ? 
_refine.ls_wR_factor_R_free                      ? 
_refine.ls_wR_factor_R_work                      ? 
_refine.occupancy_max                            ? 
_refine.occupancy_min                            ? 
_refine.solvent_model_details                    ? 
_refine.solvent_model_param_bsol                 ? 
_refine.solvent_model_param_ksol                 ? 
_refine.ls_R_factor_gt                           ? 
_refine.ls_goodness_of_fit_gt                    ? 
_refine.ls_goodness_of_fit_ref                   ? 
_refine.ls_shift_over_su_max                     ? 
_refine.ls_shift_over_su_max_lt                  ? 
_refine.ls_shift_over_su_mean                    ? 
_refine.ls_shift_over_su_mean_lt                 ? 
_refine.pdbx_ls_sigma_I                          ? 
_refine.pdbx_ls_sigma_F                          ? 
_refine.pdbx_ls_sigma_Fsqd                       ? 
_refine.pdbx_data_cutoff_high_absF               ? 
_refine.pdbx_data_cutoff_high_rms_absF           ? 
_refine.pdbx_data_cutoff_low_absF                ? 
_refine.pdbx_isotropic_thermal_model             ? 
_refine.pdbx_ls_cross_valid_method               'FREE R-VALUE' 
_refine.pdbx_method_to_determine_struct          'AB INITIO PHASING' 
_refine.pdbx_starting_model                      ? 
_refine.pdbx_stereochemistry_target_values       ? 
_refine.pdbx_R_Free_selection_details            ? 
_refine.pdbx_stereochem_target_val_spec_case     ? 
_refine.pdbx_overall_ESU_R                       0.027 
_refine.pdbx_overall_ESU_R_Free                  0.029 
_refine.pdbx_solvent_vdw_probe_radii             1.200 
_refine.pdbx_solvent_ion_probe_radii             0.800 
_refine.pdbx_solvent_shrinkage_radii             0.800 
_refine.pdbx_real_space_R                        ? 
_refine.pdbx_density_correlation                 ? 
_refine.pdbx_pd_number_of_powder_patterns        ? 
_refine.pdbx_pd_number_of_points                 ? 
_refine.pdbx_pd_meas_number_of_points            ? 
_refine.pdbx_pd_proc_ls_prof_R_factor            ? 
_refine.pdbx_pd_proc_ls_prof_wR_factor           ? 
_refine.pdbx_pd_Marquardt_correlation_coeff      ? 
_refine.pdbx_pd_Fsqrd_R_factor                   ? 
_refine.pdbx_pd_ls_matrix_band_width             ? 
_refine.pdbx_overall_phase_error                 ? 
_refine.pdbx_overall_SU_R_free_Cruickshank_DPI   ? 
_refine.pdbx_overall_SU_R_free_Blow_DPI          ? 
_refine.pdbx_overall_SU_R_Blow_DPI               ? 
_refine.pdbx_TLS_residual_ADP_flag               ? 
_refine.pdbx_diffrn_id                           1 
_refine.overall_SU_B                             0.510 
_refine.overall_SU_ML                            0.011 
_refine.overall_SU_R_Cruickshank_DPI             ? 
_refine.overall_SU_R_free                        ? 
_refine.overall_FOM_free_R_set                   ? 
_refine.overall_FOM_work_R_set                   ? 
_refine.pdbx_average_fsc_overall                 ? 
_refine.pdbx_average_fsc_work                    ? 
_refine.pdbx_average_fsc_free                    ? 
# 
_refine_hist.pdbx_refine_id                   'X-RAY DIFFRACTION' 
_refine_hist.cycle_id                         LAST 
_refine_hist.details                          ? 
_refine_hist.d_res_high                       1.100 
_refine_hist.d_res_low                        21.43 
_refine_hist.number_atoms_solvent             28 
_refine_hist.number_atoms_total               231 
_refine_hist.number_reflns_all                ? 
_refine_hist.number_reflns_obs                ? 
_refine_hist.number_reflns_R_free             ? 
_refine_hist.number_reflns_R_work             ? 
_refine_hist.R_factor_all                     ? 
_refine_hist.R_factor_obs                     ? 
_refine_hist.R_factor_R_free                  ? 
_refine_hist.R_factor_R_work                  ? 
_refine_hist.pdbx_number_residues_total       ? 
_refine_hist.pdbx_B_iso_mean_ligand           ? 
_refine_hist.pdbx_B_iso_mean_solvent          ? 
_refine_hist.pdbx_number_atoms_protein        198 
_refine_hist.pdbx_number_atoms_nucleic_acid   0 
_refine_hist.pdbx_number_atoms_ligand         5 
_refine_hist.pdbx_number_atoms_lipid          ? 
_refine_hist.pdbx_number_atoms_carb           ? 
_refine_hist.pdbx_pseudo_atom_details         ? 
# 
loop_
_refine_ls_restr.pdbx_refine_id 
_refine_ls_restr.criterion 
_refine_ls_restr.dev_ideal 
_refine_ls_restr.dev_ideal_target 
_refine_ls_restr.number 
_refine_ls_restr.rejects 
_refine_ls_restr.type 
_refine_ls_restr.weight 
_refine_ls_restr.pdbx_restraint_function 
'X-RAY DIFFRACTION' ? 0.018  0.012  217 ? r_bond_refined_d               ? ? 
'X-RAY DIFFRACTION' ? 0.001  0.017  210 ? r_bond_other_d                 ? ? 
'X-RAY DIFFRACTION' ? 1.667  1.723  299 ? r_angle_refined_deg            ? ? 
'X-RAY DIFFRACTION' ? 0.533  1.597  483 ? r_angle_other_deg              ? ? 
'X-RAY DIFFRACTION' ? 4.505  5.000  26  ? r_dihedral_angle_1_deg         ? ? 
'X-RAY DIFFRACTION' ? 19.922 16.000 20  ? r_dihedral_angle_2_deg         ? ? 
'X-RAY DIFFRACTION' ? 14.278 15.000 27  ? r_dihedral_angle_3_deg         ? ? 
'X-RAY DIFFRACTION' ? 14.469 15.000 7   ? r_dihedral_angle_4_deg         ? ? 
'X-RAY DIFFRACTION' ? 0.062  0.200  25  ? r_chiral_restr                 ? ? 
'X-RAY DIFFRACTION' ? 0.016  0.020  239 ? r_gen_planes_refined           ? ? 
'X-RAY DIFFRACTION' ? 0.001  0.020  54  ? r_gen_planes_other             ? ? 
'X-RAY DIFFRACTION' ? 0.170  0.200  34  ? r_nbd_refined                  ? ? 
'X-RAY DIFFRACTION' ? 0.200  0.200  188 ? r_symmetry_nbd_other           ? ? 
'X-RAY DIFFRACTION' ? 0.173  0.200  92  ? r_nbtor_refined                ? ? 
'X-RAY DIFFRACTION' ? 0.088  0.200  140 ? r_symmetry_nbtor_other         ? ? 
'X-RAY DIFFRACTION' ? 0.125  0.200  10  ? r_xyhbond_nbd_refined          ? ? 
'X-RAY DIFFRACTION' ? 0.206  0.200  4   ? r_symmetry_nbd_refined         ? ? 
'X-RAY DIFFRACTION' ? 0.143  0.200  43  ? r_nbd_other                    ? ? 
'X-RAY DIFFRACTION' ? 0.132  0.200  23  ? r_symmetry_xyhbond_nbd_refined ? ? 
'X-RAY DIFFRACTION' ? 1.013  0.979  98  ? r_mcbond_it                    ? ? 
'X-RAY DIFFRACTION' ? 1.007  0.979  97  ? r_mcbond_other                 ? ? 
'X-RAY DIFFRACTION' ? 1.151  1.487  123 ? r_mcangle_it                   ? ? 
'X-RAY DIFFRACTION' ? 1.152  1.486  124 ? r_mcangle_other                ? ? 
'X-RAY DIFFRACTION' ? 5.290  1.448  119 ? r_scbond_it                    ? ? 
'X-RAY DIFFRACTION' ? 5.386  1.417  113 ? r_scbond_other                 ? ? 
'X-RAY DIFFRACTION' ? 5.886  2.067  175 ? r_scangle_it                   ? ? 
'X-RAY DIFFRACTION' ? 5.984  2.000  169 ? r_scangle_other                ? ? 
'X-RAY DIFFRACTION' ? 3.732  13.245 203 ? r_lrange_it                    ? ? 
'X-RAY DIFFRACTION' ? 3.638  12.975 199 ? r_lrange_other                 ? ? 
'X-RAY DIFFRACTION' ? 5.410  3.000  427 ? r_rigid_bond_restr             ? ? 
# 
loop_
_refine_ls_shell.pdbx_refine_id 
_refine_ls_shell.d_res_high 
_refine_ls_shell.d_res_low 
_refine_ls_shell.number_reflns_all 
_refine_ls_shell.number_reflns_obs 
_refine_ls_shell.number_reflns_R_free 
_refine_ls_shell.number_reflns_R_work 
_refine_ls_shell.percent_reflns_obs 
_refine_ls_shell.percent_reflns_R_free 
_refine_ls_shell.R_factor_all 
_refine_ls_shell.R_factor_obs 
_refine_ls_shell.R_factor_R_free 
_refine_ls_shell.R_factor_R_free_error 
_refine_ls_shell.R_factor_R_work 
_refine_ls_shell.redundancy_reflns_all 
_refine_ls_shell.redundancy_reflns_obs 
_refine_ls_shell.wR_factor_all 
_refine_ls_shell.wR_factor_obs 
_refine_ls_shell.wR_factor_R_free 
_refine_ls_shell.wR_factor_R_work 
_refine_ls_shell.pdbx_total_number_of_bins_used 
_refine_ls_shell.pdbx_phase_error 
_refine_ls_shell.pdbx_fsc_work 
_refine_ls_shell.pdbx_fsc_free 
'X-RAY DIFFRACTION' 1.100 1.129  1070 . 98  880 91.4019  . 0.192 . 0.223 . 0.188 . . . . . 0.155 20 . 0.984 0.976 
'X-RAY DIFFRACTION' 1.129 1.159  1063 . 106 955 99.8119  . 0.168 . 0.192 . 0.166 . . . . . 0.141 20 . 0.986 0.981 
'X-RAY DIFFRACTION' 1.159 1.193  1015 . 101 910 99.6059  . 0.170 . 0.210 . 0.166 . . . . . 0.140 20 . 0.986 0.979 
'X-RAY DIFFRACTION' 1.193 1.230  972  . 97  872 99.6914  . 0.165 . 0.180 . 0.164 . . . . . 0.141 20 . 0.985 0.980 
'X-RAY DIFFRACTION' 1.230 1.270  980  . 98  882 100.0000 . 0.168 . 0.191 . 0.165 . . . . . 0.142 20 . 0.985 0.981 
'X-RAY DIFFRACTION' 1.270 1.314  931  . 93  837 99.8926  . 0.172 . 0.218 . 0.167 . . . . . 0.139 20 . 0.985 0.974 
'X-RAY DIFFRACTION' 1.314 1.364  888  . 89  799 100.0000 . 0.159 . 0.200 . 0.154 . . . . . 0.134 20 . 0.987 0.975 
'X-RAY DIFFRACTION' 1.364 1.419  865  . 86  777 99.7688  . 0.144 . 0.157 . 0.142 . . . . . 0.128 20 . 0.990 0.986 
'X-RAY DIFFRACTION' 1.419 1.482  809  . 81  726 99.7528  . 0.137 . 0.146 . 0.136 . . . . . 0.126 20 . 0.991 0.990 
'X-RAY DIFFRACTION' 1.482 1.554  795  . 79  714 99.7484  . 0.140 . 0.149 . 0.139 . . . . . 0.129 20 . 0.990 0.987 
'X-RAY DIFFRACTION' 1.554 1.637  741  . 74  663 99.4602  . 0.145 . 0.191 . 0.141 . . . . . 0.132 20 . 0.989 0.980 
'X-RAY DIFFRACTION' 1.637 1.736  719  . 71  643 99.3046  . 0.150 . 0.180 . 0.147 . . . . . 0.144 20 . 0.989 0.981 
'X-RAY DIFFRACTION' 1.736 1.855  666  . 66  597 99.5496  . 0.133 . 0.155 . 0.130 . . . . . 0.133 20 . 0.991 0.989 
'X-RAY DIFFRACTION' 1.855 2.002  621  . 62  558 99.8390  . 0.149 . 0.174 . 0.147 . . . . . 0.155 20 . 0.988 0.983 
'X-RAY DIFFRACTION' 2.002 2.192  575  . 58  517 100.0000 . 0.147 . 0.136 . 0.149 . . . . . 0.174 20 . 0.988 0.989 
'X-RAY DIFFRACTION' 2.192 2.447  521  . 52  469 100.0000 . 0.152 . 0.203 . 0.147 . . . . . 0.179 20 . 0.987 0.977 
'X-RAY DIFFRACTION' 2.447 2.819  457  . 45  409 99.3435  . 0.163 . 0.161 . 0.163 . . . . . 0.198 20 . 0.985 0.985 
'X-RAY DIFFRACTION' 2.819 3.438  379  . 38  333 97.8892  . 0.154 . 0.180 . 0.151 . . . . . 0.209 20 . 0.987 0.986 
'X-RAY DIFFRACTION' 3.438 4.801  308  . 30  276 99.3506  . 0.178 . 0.227 . 0.174 . . . . . 0.258 20 . 0.985 0.970 
'X-RAY DIFFRACTION' 4.801 21.431 175  . 18  156 99.4286  . 0.260 . 0.311 . 0.253 . . . . . 0.433 20 . 0.966 0.953 
# 
_struct.entry_id                     6UG3 
_struct.title                        'C3 symmetric peptide design number 1, Sporty, crystal form 1' 
_struct.pdbx_model_details           'S2 symmetric cyclic peptide' 
_struct.pdbx_formula_weight          ? 
_struct.pdbx_formula_weight_method   ? 
_struct.pdbx_model_type_details      ? 
_struct.pdbx_CASP_flag               N 
# 
_struct_keywords.entry_id        6UG3 
_struct_keywords.text            'cyclic peptide, 3-fold symmetric, L and D-amino acids, DE NOVO PROTEIN' 
_struct_keywords.pdbx_keywords   'DE NOVO PROTEIN' 
# 
loop_
_struct_asym.id 
_struct_asym.pdbx_blank_PDB_chainid_flag 
_struct_asym.pdbx_modified 
_struct_asym.entity_id 
_struct_asym.details 
A N N 1 ? 
B N N 1 ? 
C N N 2 ? 
D N N 3 ? 
E N N 3 ? 
# 
_struct_ref.id                         1 
_struct_ref.db_name                    PDB 
_struct_ref.db_code                    6UG3 
_struct_ref.pdbx_db_accession          6UG3 
_struct_ref.pdbx_db_isoform            ? 
_struct_ref.entity_id                  1 
_struct_ref.pdbx_seq_one_letter_code   ? 
_struct_ref.pdbx_align_begin           1 
# 
loop_
_struct_ref_seq.align_id 
_struct_ref_seq.ref_id 
_struct_ref_seq.pdbx_PDB_id_code 
_struct_ref_seq.pdbx_strand_id 
_struct_ref_seq.seq_align_beg 
_struct_ref_seq.pdbx_seq_align_beg_ins_code 
_struct_ref_seq.seq_align_end 
_struct_ref_seq.pdbx_seq_align_end_ins_code 
_struct_ref_seq.pdbx_db_accession 
_struct_ref_seq.db_align_beg 
_struct_ref_seq.pdbx_db_align_beg_ins_code 
_struct_ref_seq.db_align_end 
_struct_ref_seq.pdbx_db_align_end_ins_code 
_struct_ref_seq.pdbx_auth_seq_align_beg 
_struct_ref_seq.pdbx_auth_seq_align_end 
1 1 6UG3 A 1 ? 12 ? 6UG3 1 ? 12 ? 1 12 
2 1 6UG3 B 1 ? 12 ? 6UG3 1 ? 12 ? 1 12 
# 
loop_
_pdbx_struct_assembly.id 
_pdbx_struct_assembly.details 
_pdbx_struct_assembly.method_details 
_pdbx_struct_assembly.oligomeric_details 
_pdbx_struct_assembly.oligomeric_count 
1 author_and_software_defined_assembly PISA monomeric 1 
2 author_and_software_defined_assembly PISA monomeric 1 
# 
loop_
_pdbx_struct_assembly_gen.assembly_id 
_pdbx_struct_assembly_gen.oper_expression 
_pdbx_struct_assembly_gen.asym_id_list 
1 1 A,C,D 
2 1 B,E   
# 
loop_
_pdbx_struct_assembly_auth_evidence.id 
_pdbx_struct_assembly_auth_evidence.assembly_id 
_pdbx_struct_assembly_auth_evidence.experimental_support 
_pdbx_struct_assembly_auth_evidence.details 
1 1 none ? 
2 2 none ? 
# 
_pdbx_struct_oper_list.id                   1 
_pdbx_struct_oper_list.type                 'identity operation' 
_pdbx_struct_oper_list.name                 1_555 
_pdbx_struct_oper_list.symmetry_operation   x,y,z 
_pdbx_struct_oper_list.matrix[1][1]         1.0000000000 
_pdbx_struct_oper_list.matrix[1][2]         0.0000000000 
_pdbx_struct_oper_list.matrix[1][3]         0.0000000000 
_pdbx_struct_oper_list.vector[1]            0.0000000000 
_pdbx_struct_oper_list.matrix[2][1]         0.0000000000 
_pdbx_struct_oper_list.matrix[2][2]         1.0000000000 
_pdbx_struct_oper_list.matrix[2][3]         0.0000000000 
_pdbx_struct_oper_list.vector[2]            0.0000000000 
_pdbx_struct_oper_list.matrix[3][1]         0.0000000000 
_pdbx_struct_oper_list.matrix[3][2]         0.0000000000 
_pdbx_struct_oper_list.matrix[3][3]         1.0000000000 
_pdbx_struct_oper_list.vector[3]            0.0000000000 
# 
loop_
_struct_conn.id 
_struct_conn.conn_type_id 
_struct_conn.pdbx_leaving_atom_flag 
_struct_conn.pdbx_PDB_id 
_struct_conn.ptnr1_label_asym_id 
_struct_conn.ptnr1_label_comp_id 
_struct_conn.ptnr1_label_seq_id 
_struct_conn.ptnr1_label_atom_id 
_struct_conn.pdbx_ptnr1_label_alt_id 
_struct_conn.pdbx_ptnr1_PDB_ins_code 
_struct_conn.pdbx_ptnr1_standard_comp_id 
_struct_conn.ptnr1_symmetry 
_struct_conn.ptnr2_label_asym_id 
_struct_conn.ptnr2_label_comp_id 
_struct_conn.ptnr2_label_seq_id 
_struct_conn.ptnr2_label_atom_id 
_struct_conn.pdbx_ptnr2_label_alt_id 
_struct_conn.pdbx_ptnr2_PDB_ins_code 
_struct_conn.ptnr1_auth_asym_id 
_struct_conn.ptnr1_auth_comp_id 
_struct_conn.ptnr1_auth_seq_id 
_struct_conn.ptnr2_auth_asym_id 
_struct_conn.ptnr2_auth_comp_id 
_struct_conn.ptnr2_auth_seq_id 
_struct_conn.ptnr2_symmetry 
_struct_conn.pdbx_ptnr3_label_atom_id 
_struct_conn.pdbx_ptnr3_label_seq_id 
_struct_conn.pdbx_ptnr3_label_comp_id 
_struct_conn.pdbx_ptnr3_label_asym_id 
_struct_conn.pdbx_ptnr3_label_alt_id 
_struct_conn.pdbx_ptnr3_PDB_ins_code 
_struct_conn.details 
_struct_conn.pdbx_dist_value 
_struct_conn.pdbx_value_order 
_struct_conn.pdbx_role 
covale1  covale both ? A PRO 1  N ? ? ? 1_555 A ASP 12 C ? ? A PRO 1  A ASP 12 1_555 ? ? ? ? ? ? ? 1.331 sing ? 
covale2  covale both ? A ARG 2  C ? ? ? 1_555 A DVA 3  N ? ? A ARG 2  A DVA 3  1_555 ? ? ? ? ? ? ? 1.331 ?    ? 
covale3  covale both ? A DVA 3  C ? ? ? 1_555 A ASP 4  N ? ? A DVA 3  A ASP 4  1_555 ? ? ? ? ? ? ? 1.324 ?    ? 
covale4  covale both ? A ARG 6  C ? ? ? 1_555 A DVA 7  N ? ? A ARG 6  A DVA 7  1_555 ? ? ? ? ? ? ? 1.331 ?    ? 
covale5  covale both ? A DVA 7  C ? ? ? 1_555 A ASP 8  N ? ? A DVA 7  A ASP 8  1_555 ? ? ? ? ? ? ? 1.335 ?    ? 
covale6  covale both ? A ARG 10 C ? ? ? 1_555 A DVA 11 N ? ? A ARG 10 A DVA 11 1_555 ? ? ? ? ? ? ? 1.335 ?    ? 
covale7  covale both ? A DVA 11 C ? ? ? 1_555 A ASP 12 N ? ? A DVA 11 A ASP 12 1_555 ? ? ? ? ? ? ? 1.324 ?    ? 
covale8  covale both ? B PRO 1  N ? ? ? 1_555 B ASP 12 C ? ? B PRO 1  B ASP 12 1_555 ? ? ? ? ? ? ? 1.346 sing ? 
covale9  covale both ? B ARG 2  C ? ? ? 1_555 B DVA 3  N ? ? B ARG 2  B DVA 3  1_555 ? ? ? ? ? ? ? 1.320 ?    ? 
covale10 covale both ? B DVA 3  C ? ? ? 1_555 B ASP 4  N ? ? B DVA 3  B ASP 4  1_555 ? ? ? ? ? ? ? 1.328 ?    ? 
covale11 covale both ? B ARG 6  C ? ? ? 1_555 B DVA 7  N ? ? B ARG 6  B DVA 7  1_555 ? ? ? ? ? ? ? 1.338 ?    ? 
covale12 covale both ? B DVA 7  C ? ? ? 1_555 B ASP 8  N ? ? B DVA 7  B ASP 8  1_555 ? ? ? ? ? ? ? 1.328 ?    ? 
covale13 covale both ? B ARG 10 C ? ? ? 1_555 B DVA 11 N ? ? B ARG 10 B DVA 11 1_555 ? ? ? ? ? ? ? 1.305 ?    ? 
covale14 covale both ? B DVA 11 C ? ? ? 1_555 B ASP 12 N ? ? B DVA 11 B ASP 12 1_555 ? ? ? ? ? ? ? 1.330 ?    ? 
# 
_struct_conn_type.id          covale 
_struct_conn_type.criteria    ? 
_struct_conn_type.reference   ? 
# 
loop_
_pdbx_modification_feature.ordinal 
_pdbx_modification_feature.label_comp_id 
_pdbx_modification_feature.label_asym_id 
_pdbx_modification_feature.label_seq_id 
_pdbx_modification_feature.label_alt_id 
_pdbx_modification_feature.modified_residue_label_comp_id 
_pdbx_modification_feature.modified_residue_label_asym_id 
_pdbx_modification_feature.modified_residue_label_seq_id 
_pdbx_modification_feature.modified_residue_label_alt_id 
_pdbx_modification_feature.auth_comp_id 
_pdbx_modification_feature.auth_asym_id 
_pdbx_modification_feature.auth_seq_id 
_pdbx_modification_feature.PDB_ins_code 
_pdbx_modification_feature.symmetry 
_pdbx_modification_feature.modified_residue_auth_comp_id 
_pdbx_modification_feature.modified_residue_auth_asym_id 
_pdbx_modification_feature.modified_residue_auth_seq_id 
_pdbx_modification_feature.modified_residue_PDB_ins_code 
_pdbx_modification_feature.modified_residue_symmetry 
_pdbx_modification_feature.comp_id_linking_atom 
_pdbx_modification_feature.modified_residue_id_linking_atom 
_pdbx_modification_feature.modified_residue_id 
_pdbx_modification_feature.ref_pcm_id 
_pdbx_modification_feature.ref_comp_id 
_pdbx_modification_feature.type 
_pdbx_modification_feature.category 
1 PRO A 1 ? ASP A 12 ? PRO A 1 ? 1_555 ASP A 12 ? 1_555 N C . . . None 'Non-standard linkage' 
2 PRO B 1 ? ASP B 12 ? PRO B 1 ? 1_555 ASP B 12 ? 1_555 N C . . . None 'Non-standard linkage' 
# 
_pdbx_entry_details.entry_id                   6UG3 
_pdbx_entry_details.has_ligand_of_interest     N 
_pdbx_entry_details.compound_details           ? 
_pdbx_entry_details.source_details             ? 
_pdbx_entry_details.nonpolymer_details         ? 
_pdbx_entry_details.sequence_details           ? 
_pdbx_entry_details.has_protein_modification   Y 
# 
_pdbx_validate_torsion.id              1 
_pdbx_validate_torsion.PDB_model_num   1 
_pdbx_validate_torsion.auth_comp_id    ASP 
_pdbx_validate_torsion.auth_asym_id    B 
_pdbx_validate_torsion.auth_seq_id     8 
_pdbx_validate_torsion.PDB_ins_code    ? 
_pdbx_validate_torsion.label_alt_id    ? 
_pdbx_validate_torsion.phi             -147.73 
_pdbx_validate_torsion.psi             48.90 
# 
_pdbx_struct_special_symmetry.id              1 
_pdbx_struct_special_symmetry.PDB_model_num   1 
_pdbx_struct_special_symmetry.auth_asym_id    A 
_pdbx_struct_special_symmetry.auth_comp_id    HOH 
_pdbx_struct_special_symmetry.auth_seq_id     211 
_pdbx_struct_special_symmetry.PDB_ins_code    ? 
_pdbx_struct_special_symmetry.label_asym_id   D 
_pdbx_struct_special_symmetry.label_comp_id   HOH 
_pdbx_struct_special_symmetry.label_seq_id    . 
# 
_pdbx_distant_solvent_atoms.id                                1 
_pdbx_distant_solvent_atoms.PDB_model_num                     1 
_pdbx_distant_solvent_atoms.auth_atom_id                      O 
_pdbx_distant_solvent_atoms.label_alt_id                      ? 
_pdbx_distant_solvent_atoms.auth_asym_id                      A 
_pdbx_distant_solvent_atoms.auth_comp_id                      HOH 
_pdbx_distant_solvent_atoms.auth_seq_id                       214 
_pdbx_distant_solvent_atoms.PDB_ins_code                      ? 
_pdbx_distant_solvent_atoms.neighbor_macromolecule_distance   6.69 
_pdbx_distant_solvent_atoms.neighbor_ligand_distance          . 
# 
loop_
_chem_comp_atom.comp_id 
_chem_comp_atom.atom_id 
_chem_comp_atom.type_symbol 
_chem_comp_atom.pdbx_aromatic_flag 
_chem_comp_atom.pdbx_stereo_config 
_chem_comp_atom.pdbx_ordinal 
ARG N    N N N 1  
ARG CA   C N S 2  
ARG C    C N N 3  
ARG O    O N N 4  
ARG CB   C N N 5  
ARG CG   C N N 6  
ARG CD   C N N 7  
ARG NE   N N N 8  
ARG CZ   C N N 9  
ARG NH1  N N N 10 
ARG NH2  N N N 11 
ARG OXT  O N N 12 
ARG H    H N N 13 
ARG H2   H N N 14 
ARG HA   H N N 15 
ARG HB2  H N N 16 
ARG HB3  H N N 17 
ARG HG2  H N N 18 
ARG HG3  H N N 19 
ARG HD2  H N N 20 
ARG HD3  H N N 21 
ARG HE   H N N 22 
ARG HH11 H N N 23 
ARG HH12 H N N 24 
ARG HH21 H N N 25 
ARG HH22 H N N 26 
ARG HXT  H N N 27 
ASP N    N N N 28 
ASP CA   C N S 29 
ASP C    C N N 30 
ASP O    O N N 31 
ASP CB   C N N 32 
ASP CG   C N N 33 
ASP OD1  O N N 34 
ASP OD2  O N N 35 
ASP OXT  O N N 36 
ASP H    H N N 37 
ASP H2   H N N 38 
ASP HA   H N N 39 
ASP HB2  H N N 40 
ASP HB3  H N N 41 
ASP HD2  H N N 42 
ASP HXT  H N N 43 
DVA N    N N N 44 
DVA CA   C N R 45 
DVA CB   C N N 46 
DVA CG1  C N N 47 
DVA CG2  C N N 48 
DVA C    C N N 49 
DVA O    O N N 50 
DVA OXT  O N N 51 
DVA H    H N N 52 
DVA H2   H N N 53 
DVA HA   H N N 54 
DVA HB   H N N 55 
DVA HG11 H N N 56 
DVA HG12 H N N 57 
DVA HG13 H N N 58 
DVA HG21 H N N 59 
DVA HG22 H N N 60 
DVA HG23 H N N 61 
DVA HXT  H N N 62 
HOH O    O N N 63 
HOH H1   H N N 64 
HOH H2   H N N 65 
PRO N    N N N 66 
PRO CA   C N S 67 
PRO C    C N N 68 
PRO O    O N N 69 
PRO CB   C N N 70 
PRO CG   C N N 71 
PRO CD   C N N 72 
PRO OXT  O N N 73 
PRO H    H N N 74 
PRO HA   H N N 75 
PRO HB2  H N N 76 
PRO HB3  H N N 77 
PRO HG2  H N N 78 
PRO HG3  H N N 79 
PRO HD2  H N N 80 
PRO HD3  H N N 81 
PRO HXT  H N N 82 
SO4 S    S N N 83 
SO4 O1   O N N 84 
SO4 O2   O N N 85 
SO4 O3   O N N 86 
SO4 O4   O N N 87 
# 
loop_
_chem_comp_bond.comp_id 
_chem_comp_bond.atom_id_1 
_chem_comp_bond.atom_id_2 
_chem_comp_bond.value_order 
_chem_comp_bond.pdbx_aromatic_flag 
_chem_comp_bond.pdbx_stereo_config 
_chem_comp_bond.pdbx_ordinal 
ARG N   CA   sing N N 1  
ARG N   H    sing N N 2  
ARG N   H2   sing N N 3  
ARG CA  C    sing N N 4  
ARG CA  CB   sing N N 5  
ARG CA  HA   sing N N 6  
ARG C   O    doub N N 7  
ARG C   OXT  sing N N 8  
ARG CB  CG   sing N N 9  
ARG CB  HB2  sing N N 10 
ARG CB  HB3  sing N N 11 
ARG CG  CD   sing N N 12 
ARG CG  HG2  sing N N 13 
ARG CG  HG3  sing N N 14 
ARG CD  NE   sing N N 15 
ARG CD  HD2  sing N N 16 
ARG CD  HD3  sing N N 17 
ARG NE  CZ   sing N N 18 
ARG NE  HE   sing N N 19 
ARG CZ  NH1  sing N N 20 
ARG CZ  NH2  doub N N 21 
ARG NH1 HH11 sing N N 22 
ARG NH1 HH12 sing N N 23 
ARG NH2 HH21 sing N N 24 
ARG NH2 HH22 sing N N 25 
ARG OXT HXT  sing N N 26 
ASP N   CA   sing N N 27 
ASP N   H    sing N N 28 
ASP N   H2   sing N N 29 
ASP CA  C    sing N N 30 
ASP CA  CB   sing N N 31 
ASP CA  HA   sing N N 32 
ASP C   O    doub N N 33 
ASP C   OXT  sing N N 34 
ASP CB  CG   sing N N 35 
ASP CB  HB2  sing N N 36 
ASP CB  HB3  sing N N 37 
ASP CG  OD1  doub N N 38 
ASP CG  OD2  sing N N 39 
ASP OD2 HD2  sing N N 40 
ASP OXT HXT  sing N N 41 
DVA N   CA   sing N N 42 
DVA N   H    sing N N 43 
DVA N   H2   sing N N 44 
DVA CA  CB   sing N N 45 
DVA CA  C    sing N N 46 
DVA CA  HA   sing N N 47 
DVA CB  CG1  sing N N 48 
DVA CB  CG2  sing N N 49 
DVA CB  HB   sing N N 50 
DVA CG1 HG11 sing N N 51 
DVA CG1 HG12 sing N N 52 
DVA CG1 HG13 sing N N 53 
DVA CG2 HG21 sing N N 54 
DVA CG2 HG22 sing N N 55 
DVA CG2 HG23 sing N N 56 
DVA C   O    doub N N 57 
DVA C   OXT  sing N N 58 
DVA OXT HXT  sing N N 59 
HOH O   H1   sing N N 60 
HOH O   H2   sing N N 61 
PRO N   CA   sing N N 62 
PRO N   CD   sing N N 63 
PRO N   H    sing N N 64 
PRO CA  C    sing N N 65 
PRO CA  CB   sing N N 66 
PRO CA  HA   sing N N 67 
PRO C   O    doub N N 68 
PRO C   OXT  sing N N 69 
PRO CB  CG   sing N N 70 
PRO CB  HB2  sing N N 71 
PRO CB  HB3  sing N N 72 
PRO CG  CD   sing N N 73 
PRO CG  HG2  sing N N 74 
PRO CG  HG3  sing N N 75 
PRO CD  HD2  sing N N 76 
PRO CD  HD3  sing N N 77 
PRO OXT HXT  sing N N 78 
SO4 S   O1   doub N N 79 
SO4 S   O2   doub N N 80 
SO4 S   O3   sing N N 81 
SO4 S   O4   sing N N 82 
# 
loop_
_pdbx_audit_support.funding_organization 
_pdbx_audit_support.country 
_pdbx_audit_support.grant_number 
_pdbx_audit_support.ordinal 
'Department of Energy (DOE, United States)' 'United States' DE-FC02-02ER63421 1 
'Department of Energy (DOE, United States)' 'United States' DE-AC02-06CH11357 2 
# 
_atom_sites.entry_id                    6UG3 
_atom_sites.Cartn_transf_matrix[1][1]   ? 
_atom_sites.Cartn_transf_matrix[1][2]   ? 
_atom_sites.Cartn_transf_matrix[1][3]   ? 
_atom_sites.Cartn_transf_matrix[2][1]   ? 
_atom_sites.Cartn_transf_matrix[2][2]   ? 
_atom_sites.Cartn_transf_matrix[2][3]   ? 
_atom_sites.Cartn_transf_matrix[3][1]   ? 
_atom_sites.Cartn_transf_matrix[3][2]   ? 
_atom_sites.Cartn_transf_matrix[3][3]   ? 
_atom_sites.Cartn_transf_vector[1]      ? 
_atom_sites.Cartn_transf_vector[2]      ? 
_atom_sites.Cartn_transf_vector[3]      ? 
_atom_sites.fract_transf_matrix[1][1]   -0.00198644 
_atom_sites.fract_transf_matrix[1][2]   -0.01471442 
_atom_sites.fract_transf_matrix[1][3]   -0.01892523 
_atom_sites.fract_transf_matrix[2][1]   -0.03806252 
_atom_sites.fract_transf_matrix[2][2]   0.01127751 
_atom_sites.fract_transf_matrix[2][3]   -0.00477315 
_atom_sites.fract_transf_matrix[3][1]   0.00741129 
_atom_sites.fract_transf_matrix[3][2]   0.01422377 
_atom_sites.fract_transf_matrix[3][3]   -0.02549336 
_atom_sites.fract_transf_vector[1]      0.060902 
_atom_sites.fract_transf_vector[2]      0.256222 
_atom_sites.fract_transf_vector[3]      0.380926 
_atom_sites.solution_primary            ? 
_atom_sites.solution_secondary          ? 
_atom_sites.solution_hydrogens          ? 
_atom_sites.special_details             ? 
# 
loop_
_atom_type.symbol 
C 
H 
N 
O 
S 
# 
loop_
_atom_site.group_PDB 
_atom_site.id 
_atom_site.type_symbol 
_atom_site.label_atom_id 
_atom_site.label_alt_id 
_atom_site.label_comp_id 
_atom_site.label_asym_id 
_atom_site.label_entity_id 
_atom_site.label_seq_id 
_atom_site.pdbx_PDB_ins_code 
_atom_site.Cartn_x 
_atom_site.Cartn_y 
_atom_site.Cartn_z 
_atom_site.occupancy 
_atom_site.B_iso_or_equiv 
_atom_site.pdbx_formal_charge 
_atom_site.auth_seq_id 
_atom_site.auth_comp_id 
_atom_site.auth_asym_id 
_atom_site.auth_atom_id 
_atom_site.pdbx_PDB_model_num 
ATOM   1   N N    . PRO A 1 1  ? 9.736   -5.299  7.888   1.000 8.414  ? 1   PRO A N    1 
ATOM   2   C CA   . PRO A 1 1  ? 8.849   -4.157  7.728   1.000 8.550  ? 1   PRO A CA   1 
ATOM   3   C C    . PRO A 1 1  ? 8.655   -3.436  9.059   1.000 8.646  ? 1   PRO A C    1 
ATOM   4   O O    . PRO A 1 1  ? 8.296   -4.056  10.051  1.000 11.790 ? 1   PRO A O    1 
ATOM   5   C CB   . PRO A 1 1  ? 7.556   -4.794  7.236   1.000 9.614  ? 1   PRO A CB   1 
ATOM   6   C CG   . PRO A 1 1  ? 7.557   -6.155  7.777   1.000 11.927 ? 1   PRO A CG   1 
ATOM   7   C CD   . PRO A 1 1  ? 8.975   -6.542  8.042   1.000 9.825  ? 1   PRO A CD   1 
ATOM   8   H HA   . PRO A 1 1  ? 9.204   -3.541  7.039   1.000 8.703  ? 1   PRO A HA   1 
ATOM   9   H HB2  . PRO A 1 1  ? 6.777   -4.295  7.561   1.000 9.560  ? 1   PRO A HB2  1 
ATOM   10  H HB3  . PRO A 1 1  ? 7.530   -4.813  6.256   1.000 9.593  ? 1   PRO A HB3  1 
ATOM   11  H HG2  . PRO A 1 1  ? 7.037   -6.190  8.605   1.000 11.548 ? 1   PRO A HG2  1 
ATOM   12  H HG3  . PRO A 1 1  ? 7.152   -6.774  7.135   1.000 11.236 ? 1   PRO A HG3  1 
ATOM   13  H HD2  . PRO A 1 1  ? 9.075   -6.900  8.945   1.000 9.946  ? 1   PRO A HD2  1 
ATOM   14  H HD3  . PRO A 1 1  ? 9.271   -7.215  7.404   1.000 9.595  ? 1   PRO A HD3  1 
ATOM   15  N N    . ARG A 1 2  ? 8.951   -2.164  9.090   1.000 7.950  ? 2   ARG A N    1 
ATOM   16  C CA   . ARG A 1 2  ? 8.853   -1.344  10.284  1.000 8.328  ? 2   ARG A CA   1 
ATOM   17  C C    . ARG A 1 2  ? 7.960   -0.156  9.982   1.000 8.101  ? 2   ARG A C    1 
ATOM   18  O O    . ARG A 1 2  ? 7.540   0.044   8.850   1.000 9.294  ? 2   ARG A O    1 
ATOM   19  C CB   . ARG A 1 2  ? 10.241  -0.899  10.790  1.000 9.490  ? 2   ARG A CB   1 
ATOM   20  C CG   . ARG A 1 2  ? 11.199  -2.054  10.915  1.000 9.490  ? 2   ARG A CG   1 
ATOM   21  C CD   . ARG A 1 2  ? 12.429  -1.685  11.684  1.000 10.868 ? 2   ARG A CD   1 
ATOM   22  N NE   . ARG A 1 2  ? 13.462  -2.677  11.515  1.000 10.471 ? 2   ARG A NE   1 
ATOM   23  C CZ   . ARG A 1 2  ? 14.728  -2.451  11.799  1.000 10.930 ? 2   ARG A CZ   1 
ATOM   24  N NH1  . ARG A 1 2  ? 15.645  -3.312  11.401  1.000 12.412 ? 2   ARG A NH1  1 
ATOM   25  N NH2  . ARG A 1 2  ? 15.074  -1.383  12.494  1.000 14.136 ? 2   ARG A NH2  1 
ATOM   26  H H    . ARG A 1 2  ? 9.262   -1.722  8.239   1.000 8.112  ? 2   ARG A H    1 
ATOM   27  H HA   . ARG A 1 2  ? 8.424   -1.879  10.992  1.000 8.368  ? 2   ARG A HA   1 
ATOM   28  H HB2  . ARG A 1 2  ? 10.610  -0.242  10.164  1.000 9.510  ? 2   ARG A HB2  1 
ATOM   29  H HB3  . ARG A 1 2  ? 10.140  -0.468  11.663  1.000 9.216  ? 2   ARG A HB3  1 
ATOM   30  H HG2  . ARG A 1 2  ? 10.751  -2.799  11.370  1.000 9.343  ? 2   ARG A HG2  1 
ATOM   31  H HG3  . ARG A 1 2  ? 11.461  -2.358  10.021  1.000 9.744  ? 2   ARG A HG3  1 
ATOM   32  H HD2  . ARG A 1 2  ? 12.756  -0.815  11.369  1.000 10.948 ? 2   ARG A HD2  1 
ATOM   33  H HD3  . ARG A 1 2  ? 12.207  -1.602  12.636  1.000 10.577 ? 2   ARG A HD3  1 
ATOM   34  H HE   . ARG A 1 2  ? 13.291  -3.341  10.980  1.000 10.562 ? 2   ARG A HE   1 
ATOM   35  H HH11 . ARG A 1 2  ? 15.401  -4.047  10.987  1.000 11.652 ? 2   ARG A HH11 1 
ATOM   36  H HH12 . ARG A 1 2  ? 16.472  -3.226  11.685  1.000 11.806 ? 2   ARG A HH12 1 
ATOM   37  H HH21 . ARG A 1 2  ? 14.472  -0.781  12.715  1.000 12.625 ? 2   ARG A HH21 1 
ATOM   38  H HH22 . ARG A 1 2  ? 15.917  -1.265  12.723  1.000 12.808 ? 2   ARG A HH22 1 
HETATM 39  N N    . DVA A 1 3  ? 7.675   0.641   11.011  1.000 8.680  ? 3   DVA A N    1 
HETATM 40  C CA   . DVA A 1 3  ? 6.866   1.836   10.851  1.000 8.839  ? 3   DVA A CA   1 
HETATM 41  C CB   . DVA A 1 3  ? 7.278   2.922   11.844  1.000 11.360 ? 3   DVA A CB   1 
HETATM 42  C CG1  . DVA A 1 3  ? 8.719   3.282   11.671  1.000 13.951 ? 3   DVA A CG1  1 
HETATM 43  C CG2  . DVA A 1 3  ? 6.349   4.120   11.744  1.000 13.883 ? 3   DVA A CG2  1 
HETATM 44  C C    . DVA A 1 3  ? 5.423   1.445   11.063  1.000 8.923  ? 3   DVA A C    1 
HETATM 45  O O    . DVA A 1 3  ? 5.038   0.941   12.140  1.000 10.204 ? 3   DVA A O    1 
HETATM 46  H H    . DVA A 1 3  ? 8.023   0.409   11.930  1.000 8.501  ? 3   DVA A H    1 
HETATM 47  H HA   . DVA A 1 3  ? 6.977   2.178   9.946   1.000 9.008  ? 3   DVA A HA   1 
HETATM 48  H HB   . DVA A 1 3  ? 7.175   2.542   12.752  1.000 11.406 ? 3   DVA A HB   1 
HETATM 49  H HG11 . DVA A 1 3  ? 8.928   4.063   12.215  1.000 13.270 ? 3   DVA A HG11 1 
HETATM 50  H HG12 . DVA A 1 3  ? 8.893   3.485   10.735  1.000 13.363 ? 3   DVA A HG12 1 
HETATM 51  H HG13 . DVA A 1 3  ? 9.277   2.537   11.950  1.000 13.666 ? 3   DVA A HG13 1 
HETATM 52  H HG21 . DVA A 1 3  ? 6.808   4.917   12.064  1.000 13.364 ? 3   DVA A HG21 1 
HETATM 53  H HG22 . DVA A 1 3  ? 5.558   3.964   12.287  1.000 13.937 ? 3   DVA A HG22 1 
HETATM 54  H HG23 . DVA A 1 3  ? 6.084   4.252   10.817  1.000 13.286 ? 3   DVA A HG23 1 
ATOM   55  N N    . ASP A 1 4  ? 4.601   1.659   10.048  1.000 8.659  ? 4   ASP A N    1 
ATOM   56  C CA   . ASP A 1 4  ? 3.208   1.260   10.090  1.000 9.064  ? 4   ASP A CA   1 
ATOM   57  C C    . ASP A 1 4  ? 2.912   0.424   8.857   1.000 8.800  ? 4   ASP A C    1 
ATOM   58  O O    . ASP A 1 4  ? 2.347   0.886   7.884   1.000 10.345 ? 4   ASP A O    1 
ATOM   59  C CB   . ASP A 1 4  ? 2.293   2.486   10.168  1.000 10.775 ? 4   ASP A CB   1 
ATOM   60  C CG   . ASP A 1 4  ? 0.835   2.175   10.244  1.000 14.779 ? 4   ASP A CG   1 
ATOM   61  O OD1  . ASP A 1 4  ? 0.434   0.984   10.287  1.000 16.056 ? 4   ASP A OD1  1 
ATOM   62  O OD2  . ASP A 1 4  ? 0.064   3.147   10.281  1.000 19.581 ? 4   ASP A OD2  1 
ATOM   63  H H    . ASP A 1 4  ? 4.946   2.116   9.219   1.000 8.775  ? 4   ASP A H    1 
ATOM   64  H HA   . ASP A 1 4  ? 3.058   0.707   10.892  1.000 9.074  ? 4   ASP A HA   1 
ATOM   65  H HB2  . ASP A 1 4  ? 2.533   3.007   10.961  1.000 11.054 ? 4   ASP A HB2  1 
ATOM   66  H HB3  . ASP A 1 4  ? 2.445   3.045   9.380   1.000 10.886 ? 4   ASP A HB3  1 
ATOM   67  N N    . PRO A 1 5  ? 3.369   -0.837  8.842   1.000 9.523  ? 5   PRO A N    1 
ATOM   68  C CA   . PRO A 1 5  ? 3.275   -1.648  7.620   1.000 9.679  ? 5   PRO A CA   1 
ATOM   69  C C    . PRO A 1 5  ? 1.954   -2.398  7.595   1.000 9.583  ? 5   PRO A C    1 
ATOM   70  O O    . PRO A 1 5  ? 1.607   -3.099  8.545   1.000 13.288 ? 5   PRO A O    1 
ATOM   71  C CB   . PRO A 1 5  ? 4.465   -2.585  7.730   1.000 11.611 ? 5   PRO A CB   1 
ATOM   72  C CG   . PRO A 1 5  ? 4.682   -2.742  9.163   1.000 13.504 ? 5   PRO A CG   1 
ATOM   73  C CD   . PRO A 1 5  ? 4.244   -1.463  9.841   1.000 12.397 ? 5   PRO A CD   1 
ATOM   74  H HA   . PRO A 1 5  ? 3.372   -1.072  6.822   1.000 9.896  ? 5   PRO A HA   1 
ATOM   75  H HB2  . PRO A 1 5  ? 4.268   -3.451  7.311   1.000 11.120 ? 5   PRO A HB2  1 
ATOM   76  H HB3  . PRO A 1 5  ? 5.256   -2.198  7.299   1.000 11.463 ? 5   PRO A HB3  1 
ATOM   77  H HG2  . PRO A 1 5  ? 4.164   -3.500  9.502   1.000 13.031 ? 5   PRO A HG2  1 
ATOM   78  H HG3  . PRO A 1 5  ? 5.629   -2.913  9.344   1.000 12.828 ? 5   PRO A HG3  1 
ATOM   79  H HD2  . PRO A 1 5  ? 3.757   -1.650  10.665  1.000 12.380 ? 5   PRO A HD2  1 
ATOM   80  H HD3  . PRO A 1 5  ? 5.011   -0.898  10.044  1.000 11.851 ? 5   PRO A HD3  1 
ATOM   81  N N    . ARG A 1 6  ? 1.257   -2.292  6.495   1.000 8.311  ? 6   ARG A N    1 
ATOM   82  C CA   . ARG A 1 6  ? -0.042  -2.907  6.288   1.000 8.249  ? 6   ARG A CA   1 
ATOM   83  C C    . ARG A 1 6  ? -0.049  -3.684  4.980   1.000 8.134  ? 6   ARG A C    1 
ATOM   84  O O    . ARG A 1 6  ? 0.880   -3.585  4.185   1.000 9.544  ? 6   ARG A O    1 
ATOM   85  C CB   . ARG A 1 6  ? -1.169  -1.871  6.290   1.000 9.609  ? 6   ARG A CB   1 
ATOM   86  C CG   . ARG A 1 6  ? -1.117  -0.996  7.498   1.000 11.276 ? 6   ARG A CG   1 
ATOM   87  C CD   . ARG A 1 6  ? -2.359  -0.153  7.651   1.000 11.294 ? 6   ARG A CD   1 
ATOM   88  N NE   . ARG A 1 6  ? -2.137  0.896   8.611   1.000 13.308 ? 6   ARG A NE   1 
ATOM   89  C CZ   . ARG A 1 6  ? -2.945  1.907   8.750   1.000 13.343 ? 6   ARG A CZ   1 
ATOM   90  N NH1  . ARG A 1 6  ? -4.095  1.979   8.080   1.000 14.311 ? 6   ARG A NH1  1 
ATOM   91  N NH2  . ARG A 1 6  ? -2.605  2.868   9.573   1.000 16.219 ? 6   ARG A NH2  1 
ATOM   92  H H    . ARG A 1 6  ? 1.646   -1.751  5.736   1.000 8.544  ? 6   ARG A H    1 
ATOM   93  H HA   . ARG A 1 6  ? -0.204  -3.543  7.023   1.000 8.375  ? 6   ARG A HA   1 
ATOM   94  H HB2  . ARG A 1 6  ? -1.093  -1.316  5.486   1.000 9.754  ? 6   ARG A HB2  1 
ATOM   95  H HB3  . ARG A 1 6  ? -2.031  -2.333  6.264   1.000 9.536  ? 6   ARG A HB3  1 
ATOM   96  H HG2  . ARG A 1 6  ? -1.010  -1.553  8.298   1.000 11.080 ? 6   ARG A HG2  1 
ATOM   97  H HG3  . ARG A 1 6  ? -0.336  -0.405  7.436   1.000 11.124 ? 6   ARG A HG3  1 
ATOM   98  H HD2  . ARG A 1 6  ? -2.594  0.238   6.783   1.000 11.273 ? 6   ARG A HD2  1 
ATOM   99  H HD3  . ARG A 1 6  ? -3.104  -0.716  7.947   1.000 11.260 ? 6   ARG A HD3  1 
ATOM   100 H HE   . ARG A 1 6  ? -1.374  0.918   9.033   1.000 12.833 ? 6   ARG A HE   1 
ATOM   101 H HH11 . ARG A 1 6  ? -4.317  1.350   7.510   1.000 13.830 ? 6   ARG A HH11 1 
ATOM   102 H HH12 . ARG A 1 6  ? -4.630  2.665   8.206   1.000 13.968 ? 6   ARG A HH12 1 
ATOM   103 H HH21 . ARG A 1 6  ? -1.852  2.817   10.024  1.000 15.059 ? 6   ARG A HH21 1 
ATOM   104 H HH22 . ARG A 1 6  ? -3.156  3.542   9.711   1.000 15.147 ? 6   ARG A HH22 1 
HETATM 105 N N    . DVA A 1 7  ? -1.107  -4.456  4.743   1.000 8.404  ? 7   DVA A N    1 
HETATM 106 C CA   . DVA A 1 7  ? -1.302  -5.217  3.514   1.000 8.933  ? 7   DVA A CA   1 
HETATM 107 C CB   . DVA A 1 7  ? -2.816  -5.335  3.191   1.000 12.873 ? 7   DVA A CB   1 
HETATM 108 C CG1  . DVA A 1 7  ? -3.469  -3.994  3.109   1.000 14.533 ? 7   DVA A CG1  1 
HETATM 109 C CG2  . DVA A 1 7  ? -3.011  -6.200  1.975   1.000 16.775 ? 7   DVA A CG2  1 
HETATM 110 C C    . DVA A 1 7  ? -0.722  -6.596  3.701   1.000 8.644  ? 7   DVA A C    1 
HETATM 111 O O    . DVA A 1 7  ? -1.168  -7.357  4.559   1.000 9.862  ? 7   DVA A O    1 
HETATM 112 H H    . DVA A 1 7  ? -1.817  -4.522  5.457   1.000 8.422  ? 7   DVA A H    1 
HETATM 113 H HA   . DVA A 1 7  ? -0.849  -4.768  2.778   1.000 8.959  ? 7   DVA A HA   1 
HETATM 114 H HB   . DVA A 1 7  ? -3.231  -5.812  3.951   1.000 13.239 ? 7   DVA A HB   1 
HETATM 115 H HG11 . DVA A 1 7  ? -4.360  -4.087  2.726   1.000 14.320 ? 7   DVA A HG11 1 
HETATM 116 H HG12 . DVA A 1 7  ? -2.935  -3.407  2.549   1.000 13.676 ? 7   DVA A HG12 1 
HETATM 117 H HG13 . DVA A 1 7  ? -3.542  -3.612  4.002   1.000 14.489 ? 7   DVA A HG13 1 
HETATM 118 H HG21 . DVA A 1 7  ? -3.851  -5.969  1.542   1.000 15.800 ? 7   DVA A HG21 1 
HETATM 119 H HG22 . DVA A 1 7  ? -3.033  -7.137  2.241   1.000 16.133 ? 7   DVA A HG22 1 
HETATM 120 H HG23 . DVA A 1 7  ? -2.276  -6.059  1.352   1.000 15.577 ? 7   DVA A HG23 1 
ATOM   121 N N    . ASP A 1 8  ? 0.310   -6.913  2.916   1.000 8.679  ? 8   ASP A N    1 
ATOM   122 C CA   . ASP A 1 8  ? 1.041   -8.175  3.080   1.000 8.733  ? 8   ASP A CA   1 
ATOM   123 C C    . ASP A 1 8  ? 2.519   -7.831  3.161   1.000 8.266  ? 8   ASP A C    1 
ATOM   124 O O    . ASP A 1 8  ? 3.280   -8.058  2.222   1.000 9.347  ? 8   ASP A O    1 
ATOM   125 C CB   . ASP A 1 8  ? 0.738   -9.147  1.957   1.000 9.923  ? 8   ASP A CB   1 
ATOM   126 C CG   . ASP A 1 8  ? 1.400   -10.496 2.105   1.000 10.952 ? 8   ASP A CG   1 
ATOM   127 O OD1  . ASP A 1 8  ? 2.065   -10.758 3.127   1.000 11.251 ? 8   ASP A OD1  1 
ATOM   128 O OD2  . ASP A 1 8  ? 1.194   -11.321 1.167   1.000 13.961 ? 8   ASP A OD2  1 
ATOM   129 H H    . ASP A 1 8  ? 0.598   -6.276  2.189   1.000 8.650  ? 8   ASP A H    1 
ATOM   130 H HA   . ASP A 1 8  ? 0.765   -8.592  3.930   1.000 8.799  ? 8   ASP A HA   1 
ATOM   131 H HB2  . ASP A 1 8  ? -0.229  -9.286  1.914   1.000 9.830  ? 8   ASP A HB2  1 
ATOM   132 H HB3  . ASP A 1 8  ? 1.027   -8.754  1.108   1.000 9.913  ? 8   ASP A HB3  1 
ATOM   133 N N    . PRO A 1 9  ? 2.943   -7.259  4.284   1.000 8.419  ? 9   PRO A N    1 
ATOM   134 C CA   . PRO A 1 9  ? 4.331   -6.807  4.415   1.000 8.600  ? 9   PRO A CA   1 
ATOM   135 C C    . PRO A 1 9  ? 5.224   -7.955  4.856   1.000 8.969  ? 9   PRO A C    1 
ATOM   136 O O    . PRO A 1 9  ? 4.916   -8.628  5.837   1.000 11.344 ? 9   PRO A O    1 
ATOM   137 C CB   . PRO A 1 9  ? 4.237   -5.719  5.482   1.000 9.618  ? 9   PRO A CB   1 
ATOM   138 C CG   . PRO A 1 9  ? 3.094   -6.163  6.355   1.000 10.997 ? 9   PRO A CG   1 
ATOM   139 C CD   . PRO A 1 9  ? 2.133   -6.843  5.429   1.000 9.487  ? 9   PRO A CD   1 
ATOM   140 H HA   . PRO A 1 9  ? 4.647   -6.419  3.560   1.000 8.579  ? 9   PRO A HA   1 
ATOM   141 H HB2  . PRO A 1 9  ? 5.069   -5.658  5.999   1.000 9.462  ? 9   PRO A HB2  1 
ATOM   142 H HB3  . PRO A 1 9  ? 4.050   -4.845  5.078   1.000 9.474  ? 9   PRO A HB3  1 
ATOM   143 H HG2  . PRO A 1 9  ? 3.405   -6.782  7.046   1.000 10.670 ? 9   PRO A HG2  1 
ATOM   144 H HG3  . PRO A 1 9  ? 2.670   -5.394  6.788   1.000 10.419 ? 9   PRO A HG3  1 
ATOM   145 H HD2  . PRO A 1 9  ? 1.722   -7.614  5.860   1.000 9.465  ? 9   PRO A HD2  1 
ATOM   146 H HD3  . PRO A 1 9  ? 1.432   -6.226  5.151   1.000 9.488  ? 9   PRO A HD3  1 
ATOM   147 N N    . ARG A 1 10 ? 6.325   -8.153  4.156   1.000 8.299  ? 10  ARG A N    1 
ATOM   148 C CA   . ARG A 1 10 ? 7.271   -9.209  4.424   1.000 8.416  ? 10  ARG A CA   1 
ATOM   149 C C    . ARG A 1 10 ? 8.659   -8.607  4.517   1.000 7.826  ? 10  ARG A C    1 
ATOM   150 O O    . ARG A 1 10 ? 8.862   -7.445  4.195   1.000 9.665  ? 10  ARG A O    1 
ATOM   151 C CB   . ARG A 1 10 ? 7.195   -10.307 3.380   1.000 10.912 ? 10  ARG A CB   1 
ATOM   152 C CG   . ARG A 1 10 ? 5.767   -10.852 3.260   1.000 13.994 ? 10  ARG A CG   1 
ATOM   153 C CD   . ARG A 1 10 ? 5.654   -12.144 2.637   1.000 14.730 ? 10  ARG A CD   1 
ATOM   154 N NE   . ARG A 1 10 ? 4.327   -12.446 2.290   1.000 14.525 ? 10  ARG A NE   1 
ATOM   155 C CZ   . ARG A 1 10 ? 4.033   -13.429 1.478   1.000 15.868 ? 10  ARG A CZ   1 
ATOM   156 N NH1  . ARG A 1 10 ? 4.972   -14.286 1.084   1.000 21.537 ? 10  ARG A NH1  1 
ATOM   157 N NH2  . ARG A 1 10 ? 2.827   -13.565 1.049   1.000 17.022 ? 10  ARG A NH2  1 
ATOM   158 H H    . ARG A 1 10 ? 6.521   -7.527  3.389   1.000 8.477  ? 10  ARG A H    1 
ATOM   159 H HA   . ARG A 1 10 ? 7.050   -9.603  5.298   1.000 8.491  ? 10  ARG A HA   1 
ATOM   160 H HB2  . ARG A 1 10 ? 7.481   -9.949  2.514   1.000 11.041 ? 10  ARG A HB2  1 
ATOM   161 H HB3  . ARG A 1 10 ? 7.802   -11.034 3.632   1.000 10.704 ? 10  ARG A HB3  1 
ATOM   162 H HG2  . ARG A 1 10 ? 5.375   -10.907 4.157   1.000 13.712 ? 10  ARG A HG2  1 
ATOM   163 H HG3  . ARG A 1 10 ? 5.231   -10.212 2.746   1.000 13.354 ? 10  ARG A HG3  1 
ATOM   164 H HD2  . ARG A 1 10 ? 6.212   -12.156 1.829   1.000 14.763 ? 10  ARG A HD2  1 
ATOM   165 H HD3  . ARG A 1 10 ? 5.995   -12.830 3.249   1.000 14.364 ? 10  ARG A HD3  1 
ATOM   166 H HE   . ARG A 1 10 ? 3.710   -11.858 2.464   1.000 14.919 ? 10  ARG A HE   1 
ATOM   167 H HH11 . ARG A 1 10 ? 5.806   -14.182 1.336   1.000 19.065 ? 10  ARG A HH11 1 
ATOM   168 H HH12 . ARG A 1 10 ? 4.757   -14.956 0.557   1.000 19.304 ? 10  ARG A HH12 1 
ATOM   169 H HH21 . ARG A 1 10 ? 2.199   -13.010 1.320   1.000 16.242 ? 10  ARG A HH21 1 
ATOM   170 H HH22 . ARG A 1 10 ? 2.614   -14.259 0.550   1.000 16.180 ? 10  ARG A HH22 1 
HETATM 171 N N    . DVA A 1 11 ? 9.630   -9.411  4.958   1.000 7.777  ? 11  DVA A N    1 
HETATM 172 C CA   . DVA A 1 11 ? 11.014  -8.978  5.030   1.000 8.109  ? 11  DVA A CA   1 
HETATM 173 C CB   . DVA A 1 11 ? 11.966  -10.138 4.704   1.000 10.415 ? 11  DVA A CB   1 
HETATM 174 C CG1  . DVA A 1 11 ? 11.738  -10.639 3.324   1.000 14.301 ? 11  DVA A CG1  1 
HETATM 175 C CG2  . DVA A 1 11 ? 13.408  -9.775  4.961   1.000 13.646 ? 11  DVA A CG2  1 
HETATM 176 C C    . DVA A 1 11 ? 11.298  -8.425  6.419   1.000 7.917  ? 11  DVA A C    1 
HETATM 177 O O    . DVA A 1 11 ? 11.151  -9.117  7.437   1.000 9.104  ? 11  DVA A O    1 
HETATM 178 H H    . DVA A 1 11 ? 9.398   -10.348 5.253   1.000 7.869  ? 11  DVA A H    1 
HETATM 179 H HA   . DVA A 1 11 ? 11.153  -8.272  4.375   1.000 8.294  ? 11  DVA A HA   1 
HETATM 180 H HB   . DVA A 1 11 ? 11.738  -10.876 5.323   1.000 10.342 ? 11  DVA A HB   1 
HETATM 181 H HG11 . DVA A 1 11 ? 12.408  -11.309 3.106   1.000 13.276 ? 11  DVA A HG11 1 
HETATM 182 H HG12 . DVA A 1 11 ? 11.803  -9.899  2.696   1.000 13.748 ? 11  DVA A HG12 1 
HETATM 183 H HG13 . DVA A 1 11 ? 10.852  -11.037 3.264   1.000 13.468 ? 11  DVA A HG13 1 
HETATM 184 H HG21 . DVA A 1 11 ? 13.989  -10.359 4.443   1.000 12.774 ? 11  DVA A HG21 1 
HETATM 185 H HG22 . DVA A 1 11 ? 13.608  -9.881  5.908   1.000 13.177 ? 11  DVA A HG22 1 
HETATM 186 H HG23 . DVA A 1 11 ? 13.563  -8.851  4.698   1.000 12.847 ? 11  DVA A HG23 1 
ATOM   187 N N    . ASP A 1 12 ? 11.676  -7.157  6.483   1.000 7.689  ? 12  ASP A N    1 
ATOM   188 C CA   . ASP A 1 12 ? 11.883  -6.444  7.751   1.000 7.708  ? 12  ASP A CA   1 
ATOM   189 C C    . ASP A 1 12 ? 11.049  -5.171  7.707   1.000 7.935  ? 12  ASP A C    1 
ATOM   190 O O    . ASP A 1 12 ? 11.561  -4.093  7.460   1.000 8.986  ? 12  ASP A O    1 
ATOM   191 C CB   . ASP A 1 12 ? 13.370  -6.151  7.959   1.000 8.601  ? 12  ASP A CB   1 
ATOM   192 C CG   . ASP A 1 12 ? 13.702  -5.363  9.193   1.000 9.683  ? 12  ASP A CG   1 
ATOM   193 O OD1  . ASP A 1 12 ? 12.824  -5.146  10.056  1.000 10.152 ? 12  ASP A OD1  1 
ATOM   194 O OD2  . ASP A 1 12 ? 14.896  -4.988  9.299   1.000 11.594 ? 12  ASP A OD2  1 
ATOM   195 H H    . ASP A 1 12 ? 11.834  -6.653  5.623   1.000 7.719  ? 12  ASP A H    1 
ATOM   196 H HA   . ASP A 1 12 ? 11.567  -7.010  8.493   1.000 7.750  ? 12  ASP A HA   1 
ATOM   197 H HB2  . ASP A 1 12 ? 13.854  -7.000  8.004   1.000 8.602  ? 12  ASP A HB2  1 
ATOM   198 H HB3  . ASP A 1 12 ? 13.704  -5.654  7.184   1.000 8.628  ? 12  ASP A HB3  1 
ATOM   199 N N    . PRO B 1 1  ? -8.597  2.998   -8.103  1.000 10.976 ? 1   PRO B N    1 
ATOM   200 C CA   . PRO B 1 1  ? -8.251  3.878   -7.009  1.000 12.556 ? 1   PRO B CA   1 
ATOM   201 C C    . PRO B 1 1  ? -8.760  5.287   -7.307  1.000 11.930 ? 1   PRO B C    1 
ATOM   202 O O    . PRO B 1 1  ? -8.479  5.879   -8.336  1.000 15.590 ? 1   PRO B O    1 
ATOM   203 C CB   . PRO B 1 1  ? -6.719  3.812   -6.980  1.000 15.719 ? 1   PRO B CB   1 
ATOM   204 C CG   . PRO B 1 1  ? -6.265  3.050   -8.072  1.000 20.320 ? 1   PRO B CG   1 
ATOM   205 C CD   . PRO B 1 1  ? -7.415  2.615   -8.864  1.000 13.204 ? 1   PRO B CD   1 
ATOM   206 H HA   . PRO B 1 1  ? -8.624  3.532   -6.160  1.000 12.852 ? 1   PRO B HA   1 
ATOM   207 H HB2  . PRO B 1 1  ? -6.344  4.717   -7.030  1.000 15.210 ? 1   PRO B HB2  1 
ATOM   208 H HB3  . PRO B 1 1  ? -6.416  3.406   -6.141  1.000 15.655 ? 1   PRO B HB3  1 
ATOM   209 H HG2  . PRO B 1 1  ? -5.660  3.583   -8.625  1.000 18.111 ? 1   PRO B HG2  1 
ATOM   210 H HG3  . PRO B 1 1  ? -5.771  2.269   -7.748  1.000 19.268 ? 1   PRO B HG3  1 
ATOM   211 H HD2  . PRO B 1 1  ? -7.414  3.049   -9.736  1.000 13.141 ? 1   PRO B HD2  1 
ATOM   212 H HD3  . PRO B 1 1  ? -7.386  1.651   -8.998  1.000 12.787 ? 1   PRO B HD3  1 
ATOM   213 N N    . ARG B 1 2  ? -9.568  5.788   -6.388  1.000 10.469 ? 2   ARG B N    1 
ATOM   214 C CA   . ARG B 1 2  ? -10.186 7.112   -6.511  1.000 9.872  ? 2   ARG B CA   1 
ATOM   215 C C    . ARG B 1 2  ? -9.932  7.923   -5.260  1.000 9.485  ? 2   ARG B C    1 
ATOM   216 O O    . ARG B 1 2  ? -9.818  7.378   -4.153  1.000 11.521 ? 2   ARG B O    1 
ATOM   217 C CB   . ARG B 1 2  ? -11.686 7.000   -6.773  1.000 11.154 ? 2   ARG B CB   1 
ATOM   218 C CG   . ARG B 1 2  ? -12.014 6.230   -8.043  1.000 11.827 ? 2   ARG B CG   1 
ATOM   219 C CD   . ARG B 1 2  ? -13.501 6.188   -8.303  1.000 13.090 ? 2   ARG B CD   1 
ATOM   220 N NE   . ARG B 1 2  ? -13.782 5.304   -9.407  1.000 12.577 ? 2   ARG B NE   1 
ATOM   221 C CZ   . ARG B 1 2  ? -14.991 5.127   -9.894  1.000 12.945 ? 2   ARG B CZ   1 
ATOM   222 N NH1  . ARG B 1 2  ? -15.173 4.199   -10.808 1.000 13.361 ? 2   ARG B NH1  1 
ATOM   223 N NH2  . ARG B 1 2  ? -16.003 5.867   -9.466  1.000 15.768 ? 2   ARG B NH2  1 
ATOM   224 H H    . ARG B 1 2  ? -9.771  5.240   -5.564  1.000 10.447 ? 2   ARG B H    1 
ATOM   225 H HA   . ARG B 1 2  ? -9.771  7.577   -7.273  1.000 9.894  ? 2   ARG B HA   1 
ATOM   226 H HB2  . ARG B 1 2  ? -12.107 6.551   -6.009  1.000 11.231 ? 2   ARG B HB2  1 
ATOM   227 H HB3  . ARG B 1 2  ? -12.062 7.902   -6.840  1.000 11.054 ? 2   ARG B HB3  1 
ATOM   228 H HG2  . ARG B 1 2  ? -11.566 6.653   -8.806  1.000 11.803 ? 2   ARG B HG2  1 
ATOM   229 H HG3  . ARG B 1 2  ? -11.676 5.311   -7.963  1.000 11.899 ? 2   ARG B HG3  1 
ATOM   230 H HD2  . ARG B 1 2  ? -13.969 5.872   -7.500  1.000 12.952 ? 2   ARG B HD2  1 
ATOM   231 H HD3  . ARG B 1 2  ? -13.822 7.091   -8.511  1.000 12.697 ? 2   ARG B HD3  1 
ATOM   232 H HE   . ARG B 1 2  ? -13.153 4.765   -9.669  1.000 12.833 ? 2   ARG B HE   1 
ATOM   233 H HH11 . ARG B 1 2  ? -14.489 3.736   -11.106 1.000 13.225 ? 2   ARG B HH11 1 
ATOM   234 H HH12 . ARG B 1 2  ? -15.960 4.110   -11.189 1.000 13.181 ? 2   ARG B HH12 1 
ATOM   235 H HH21 . ARG B 1 2  ? -15.884 6.461   -8.830  1.000 14.492 ? 2   ARG B HH21 1 
ATOM   236 H HH22 . ARG B 1 2  ? -16.804 5.755   -9.818  1.000 14.690 ? 2   ARG B HH22 1 
HETATM 237 N N    . DVA B 1 3  ? -9.858  9.228   -5.444  1.000 8.608  ? 3   DVA B N    1 
HETATM 238 C CA   . DVA B 1 3  ? -9.759  10.160  -4.341  1.000 8.577  ? 3   DVA B CA   1 
HETATM 239 C CB   . DVA B 1 3  ? -10.809 11.257  -4.461  1.000 9.272  ? 3   DVA B CB   1 
HETATM 240 C CG1  . DVA B 1 3  ? -12.220 10.692  -4.536  1.000 10.654 ? 3   DVA B CG1  1 
HETATM 241 C CG2  . DVA B 1 3  ? -10.645 12.237  -3.306  1.000 11.100 ? 3   DVA B CG2  1 
HETATM 242 C C    . DVA B 1 3  ? -8.333  10.708  -4.409  1.000 9.101  ? 3   DVA B C    1 
HETATM 243 O O    . DVA B 1 3  ? -7.994  11.481  -5.308  1.000 9.857  ? 3   DVA B O    1 
HETATM 244 H H    . DVA B 1 3  ? -9.870  9.593   -6.383  1.000 8.779  ? 3   DVA B H    1 
HETATM 245 H HA   . DVA B 1 3  ? -9.884  9.685   -3.499  1.000 8.752  ? 3   DVA B HA   1 
HETATM 246 H HB   . DVA B 1 3  ? -10.633 11.747  -5.302  1.000 9.562  ? 3   DVA B HB   1 
HETATM 247 H HG11 . DVA B 1 3  ? -12.865 11.418  -4.479  1.000 10.358 ? 3   DVA B HG11 1 
HETATM 248 H HG12 . DVA B 1 3  ? -12.361 10.073  -3.799  1.000 10.325 ? 3   DVA B HG12 1 
HETATM 249 H HG13 . DVA B 1 3  ? -12.338 10.221  -5.380  1.000 10.549 ? 3   DVA B HG13 1 
HETATM 250 H HG21 . DVA B 1 3  ? -11.472 12.734  -3.180  1.000 10.820 ? 3   DVA B HG21 1 
HETATM 251 H HG22 . DVA B 1 3  ? -9.923  12.859  -3.505  1.000 10.839 ? 3   DVA B HG22 1 
HETATM 252 H HG23 . DVA B 1 3  ? -10.435 11.749  -2.490  1.000 10.644 ? 3   DVA B HG23 1 
ATOM   253 N N    . ASP B 1 4  ? -7.489  10.269  -3.483  1.000 9.728  ? 4   ASP B N    1 
ATOM   254 C CA   . ASP B 1 4  ? -6.082  10.672  -3.494  1.000 10.332 ? 4   ASP B CA   1 
ATOM   255 C C    . ASP B 1 4  ? -5.222  9.432   -3.298  1.000 9.958  ? 4   ASP B C    1 
ATOM   256 O O    . ASP B 1 4  ? -4.634  9.203   -2.235  1.000 10.770 ? 4   ASP B O    1 
ATOM   257 C CB   . ASP B 1 4  ? -5.856  11.736  -2.464  1.000 12.276 ? 4   ASP B CB   1 
ATOM   258 C CG   . ASP B 1 4  ? -4.593  12.529  -2.714  1.000 13.243 ? 4   ASP B CG   1 
ATOM   259 O OD1  . ASP B 1 4  ? -3.764  12.120  -3.577  1.000 13.776 ? 4   ASP B OD1  1 
ATOM   260 O OD2  . ASP B 1 4  ? -4.452  13.538  -2.062  1.000 15.249 ? 4   ASP B OD2  1 
ATOM   261 H H    . ASP B 1 4  ? -7.813  9.646   -2.760  1.000 9.615  ? 4   ASP B H    1 
ATOM   262 H HA   . ASP B 1 4  ? -5.877  11.057  -4.377  1.000 10.428 ? 4   ASP B HA   1 
ATOM   263 H HB2  . ASP B 1 4  ? -6.614  12.355  -2.469  1.000 12.046 ? 4   ASP B HB2  1 
ATOM   264 H HB3  . ASP B 1 4  ? -5.799  11.328  -1.576  1.000 12.126 ? 4   ASP B HB3  1 
ATOM   265 N N    . PRO B 1 5  ? -5.175  8.559   -4.316  1.000 10.728 ? 5   PRO B N    1 
ATOM   266 C CA   . PRO B 1 5  ? -4.385  7.337   -4.212  1.000 11.529 ? 5   PRO B CA   1 
ATOM   267 C C    . PRO B 1 5  ? -2.896  7.675   -4.228  1.000 10.038 ? 5   PRO B C    1 
ATOM   268 O O    . PRO B 1 5  ? -2.450  8.574   -4.931  1.000 11.588 ? 5   PRO B O    1 
ATOM   269 C CB   . PRO B 1 5  ? -4.797  6.587   -5.449  1.000 14.691 ? 5   PRO B CB   1 
ATOM   270 C CG   . PRO B 1 5  ? -5.263  7.618   -6.407  1.000 18.060 ? 5   PRO B CG   1 
ATOM   271 C CD   . PRO B 1 5  ? -5.834  8.711   -5.602  1.000 12.322 ? 5   PRO B CD   1 
ATOM   272 H HA   . PRO B 1 5  ? -4.633  6.830   -3.398  1.000 11.093 ? 5   PRO B HA   1 
ATOM   273 H HB2  . PRO B 1 5  ? -4.040  6.088   -5.822  1.000 14.024 ? 5   PRO B HB2  1 
ATOM   274 H HB3  . PRO B 1 5  ? -5.519  5.956   -5.245  1.000 14.379 ? 5   PRO B HB3  1 
ATOM   275 H HG2  . PRO B 1 5  ? -4.516  7.946   -6.948  1.000 17.169 ? 5   PRO B HG2  1 
ATOM   276 H HG3  . PRO B 1 5  ? -5.941  7.246   -7.007  1.000 16.786 ? 5   PRO B HG3  1 
ATOM   277 H HD2  . PRO B 1 5  ? -5.634  9.578   -6.000  1.000 12.593 ? 5   PRO B HD2  1 
ATOM   278 H HD3  . PRO B 1 5  ? -6.799  8.615   -5.515  1.000 12.288 ? 5   PRO B HD3  1 
ATOM   279 N N    . ARG B 1 6  ? -2.129  6.909   -3.481  1.000 9.826  ? 6   ARG B N    1 
ATOM   280 C CA   . ARG B 1 6  ? -0.695  7.150   -3.341  1.000 9.383  ? 6   ARG B CA   1 
ATOM   281 C C    . ARG B 1 6  ? 0.054   5.848   -3.413  1.000 9.311  ? 6   ARG B C    1 
ATOM   282 O O    . ARG B 1 6  ? -0.372  4.843   -2.861  1.000 10.387 ? 6   ARG B O    1 
ATOM   283 C CB   . ARG B 1 6  ? -0.416  7.745   -1.959  1.000 11.312 ? 6   ARG B CB   1 
ATOM   284 C CG   . ARG B 1 6  ? -1.142  9.036   -1.667  1.000 11.482 ? 6   ARG B CG   1 
ATOM   285 C CD   . ARG B 1 6  ? -0.653  10.153  -2.489  1.000 11.000 ? 6   ARG B CD   1 
ATOM   286 N NE   . ARG B 1 6  ? -1.339  11.431  -2.221  1.000 12.104 ? 6   ARG B NE   1 
ATOM   287 C CZ   . ARG B 1 6  ? -1.120  12.205  -1.170  1.000 12.039 ? 6   ARG B CZ   1 
ATOM   288 N NH1  . ARG B 1 6  ? -0.182  11.906  -0.293  1.000 14.680 ? 6   ARG B NH1  1 
ATOM   289 N NH2  . ARG B 1 6  ? -1.798  13.365  -1.019  1.000 13.186 ? 6   ARG B NH2  1 
ATOM   290 H H    . ARG B 1 6  ? -2.538  6.126   -2.993  1.000 9.734  ? 6   ARG B H    1 
ATOM   291 H HA   . ARG B 1 6  ? -0.385  7.760   -4.046  1.000 9.581  ? 6   ARG B HA   1 
ATOM   292 H HB2  . ARG B 1 6  ? -0.668  7.085   -1.281  1.000 11.136 ? 6   ARG B HB2  1 
ATOM   293 H HB3  . ARG B 1 6  ? 0.547   7.904   -1.879  1.000 11.001 ? 6   ARG B HB3  1 
ATOM   294 H HG2  . ARG B 1 6  ? -2.101  8.915   -1.831  1.000 11.390 ? 6   ARG B HG2  1 
ATOM   295 H HG3  . ARG B 1 6  ? -1.026  9.264   -0.720  1.000 11.650 ? 6   ARG B HG3  1 
ATOM   296 H HD2  . ARG B 1 6  ? 0.308   10.267  -2.333  1.000 11.294 ? 6   ARG B HD2  1 
ATOM   297 H HD3  . ARG B 1 6  ? -0.772  9.926   -3.434  1.000 10.947 ? 6   ARG B HD3  1 
ATOM   298 H HE   . ARG B 1 6  ? -1.962  11.678  -2.778  1.000 11.961 ? 6   ARG B HE   1 
ATOM   299 H HH11 . ARG B 1 6  ? 0.277   11.163  -0.370  1.000 13.819 ? 6   ARG B HH11 1 
ATOM   300 H HH12 . ARG B 1 6  ? -0.041  12.437  0.393   1.000 13.430 ? 6   ARG B HH12 1 
ATOM   301 H HH21 . ARG B 1 6  ? -2.415  13.593  -1.603  1.000 13.092 ? 6   ARG B HH21 1 
ATOM   302 H HH22 . ARG B 1 6  ? -1.633  13.884  -0.326  1.000 12.758 ? 6   ARG B HH22 1 
HETATM 303 N N    . DVA B 1 7  ? 1.226   5.888   -4.056  1.000 9.022  ? 7   DVA B N    1 
HETATM 304 C CA   . DVA B 1 7  ? 2.123   4.749   -4.105  1.000 9.246  ? 7   DVA B CA   1 
HETATM 305 C CB   . DVA B 1 7  ? 3.570   5.180   -3.897  1.000 9.217  ? 7   DVA B CB   1 
HETATM 306 C CG1  . DVA B 1 7  ? 3.732   5.935   -2.603  1.000 10.394 ? 7   DVA B CG1  1 
HETATM 307 C CG2  . DVA B 1 7  ? 4.471   3.969   -3.975  1.000 11.411 ? 7   DVA B CG2  1 
HETATM 308 C C    . DVA B 1 7  ? 1.943   4.072   -5.453  1.000 10.493 ? 7   DVA B C    1 
HETATM 309 O O    . DVA B 1 7  ? 2.305   4.652   -6.491  1.000 11.916 ? 7   DVA B O    1 
HETATM 310 H H    . DVA B 1 7  ? 1.502   6.737   -4.525  1.000 9.162  ? 7   DVA B H    1 
HETATM 311 H HA   . DVA B 1 7  ? 1.878   4.124   -3.400  1.000 9.298  ? 7   DVA B HA   1 
HETATM 312 H HB   . DVA B 1 7  ? 3.811   5.790   -4.638  1.000 9.599  ? 7   DVA B HB   1 
HETATM 313 H HG11 . DVA B 1 7  ? 4.679   6.056   -2.412  1.000 10.167 ? 7   DVA B HG11 1 
HETATM 314 H HG12 . DVA B 1 7  ? 3.318   5.432   -1.880  1.000 10.223 ? 7   DVA B HG12 1 
HETATM 315 H HG13 . DVA B 1 7  ? 3.305   6.806   -2.678  1.000 10.307 ? 7   DVA B HG13 1 
HETATM 316 H HG21 . DVA B 1 7  ? 5.296   4.144   -3.488  1.000 10.993 ? 7   DVA B HG21 1 
HETATM 317 H HG22 . DVA B 1 7  ? 4.680   3.778   -4.906  1.000 11.143 ? 7   DVA B HG22 1 
HETATM 318 H HG23 . DVA B 1 7  ? 4.021   3.200   -3.581  1.000 10.823 ? 7   DVA B HG23 1 
ATOM   319 N N    . ASP B 1 8  ? 1.322   2.898   -5.457  1.000 11.353 ? 8   ASP B N    1 
ATOM   320 C CA   . ASP B 1 8  ? 1.033   2.225   -6.703  1.000 14.027 ? 8   ASP B CA   1 
ATOM   321 C C    . ASP B 1 8  ? -0.267  1.423   -6.588  1.000 14.104 ? 8   ASP B C    1 
ATOM   322 O O    . ASP B 1 8  ? -0.236  0.251   -6.824  1.000 15.968 ? 8   ASP B O    1 
ATOM   323 C CB   . ASP B 1 8  ? 2.222   1.325   -7.016  1.000 18.334 ? 8   ASP B CB   1 
ATOM   324 C CG   . ASP B 1 8  ? 2.246   0.745   -8.393  1.000 20.526 ? 8   ASP B CG   1 
ATOM   325 O OD1  . ASP B 1 8  ? 1.540   1.299   -9.288  1.000 23.137 ? 8   ASP B OD1  1 
ATOM   326 O OD2  . ASP B 1 8  ? 3.006   -0.195  -8.588  1.000 27.315 ? 8   ASP B OD2  1 
ATOM   327 H H    . ASP B 1 8  ? 1.047   2.467   -4.587  1.000 11.642 ? 8   ASP B H    1 
ATOM   328 H HA   . ASP B 1 8  ? 0.935   2.896   -7.418  1.000 13.483 ? 8   ASP B HA   1 
ATOM   329 H HB2  . ASP B 1 8  ? 3.045   1.841   -6.894  1.000 16.527 ? 8   ASP B HB2  1 
ATOM   330 H HB3  . ASP B 1 8  ? 2.234   0.585   -6.375  1.000 19.758 ? 8   ASP B HB3  1 
ATOM   331 N N    . PRO B 1 9  ? -1.421  1.906   -6.100  1.000 13.391 ? 9   PRO B N    1 
ATOM   332 C CA   . PRO B 1 9  ? -2.583  1.034   -5.919  1.000 13.072 ? 9   PRO B CA   1 
ATOM   333 C C    . PRO B 1 9  ? -3.160  0.569   -7.270  1.000 12.740 ? 9   PRO B C    1 
ATOM   334 O O    . PRO B 1 9  ? -3.021  1.282   -8.277  1.000 13.493 ? 9   PRO B O    1 
ATOM   335 C CB   . PRO B 1 9  ? -3.606  1.893   -5.175  1.000 14.588 ? 9   PRO B CB   1 
ATOM   336 C CG   . PRO B 1 9  ? -3.219  3.298   -5.592  1.000 14.802 ? 9   PRO B CG   1 
ATOM   337 C CD   . PRO B 1 9  ? -1.709  3.285   -5.673  1.000 15.317 ? 9   PRO B CD   1 
ATOM   338 H HA   . PRO B 1 9  ? -2.333  0.255   -5.362  1.000 13.688 ? 9   PRO B HA   1 
ATOM   339 H HB2  . PRO B 1 9  ? -4.522  1.680   -5.453  1.000 14.622 ? 9   PRO B HB2  1 
ATOM   340 H HB3  . PRO B 1 9  ? -3.529  1.778   -4.204  1.000 13.922 ? 9   PRO B HB3  1 
ATOM   341 H HG2  . PRO B 1 9  ? -3.610  3.522   -6.461  1.000 15.023 ? 9   PRO B HG2  1 
ATOM   342 H HG3  . PRO B 1 9  ? -3.524  3.953   -4.931  1.000 14.848 ? 9   PRO B HG3  1 
ATOM   343 H HD2  . PRO B 1 9  ? -1.383  3.932   -6.326  1.000 15.196 ? 9   PRO B HD2  1 
ATOM   344 H HD3  . PRO B 1 9  ? -1.307  3.475   -4.805  1.000 14.999 ? 9   PRO B HD3  1 
ATOM   345 N N    . ARG B 1 10 ? -3.741  -0.599  -7.207  1.000 13.109 ? 10  ARG B N    1 
ATOM   346 C CA   A ARG B 1 10 ? -4.264  -1.171  -8.401  0.750 12.397 ? 10  ARG B CA   1 
ATOM   347 C CA   B ARG B 1 10 ? -4.265  -1.134  -8.432  0.250 13.571 ? 10  ARG B CA   1 
ATOM   348 C C    . ARG B 1 10 ? -5.747  -1.366  -8.220  1.000 11.648 ? 10  ARG B C    1 
ATOM   349 O O    . ARG B 1 10 ? -6.199  -1.681  -7.117  1.000 15.964 ? 10  ARG B O    1 
ATOM   350 C CB   A ARG B 1 10 ? -3.572  -2.518  -8.603  0.750 16.537 ? 10  ARG B CB   1 
ATOM   351 C CB   B ARG B 1 10 ? -3.432  -2.367  -8.776  0.250 14.033 ? 10  ARG B CB   1 
ATOM   352 C CG   A ARG B 1 10 ? -2.169  -2.347  -9.148  0.750 21.257 ? 10  ARG B CG   1 
ATOM   353 C CG   B ARG B 1 10 ? -1.938  -2.079  -8.823  0.250 18.485 ? 10  ARG B CG   1 
ATOM   354 C CD   A ARG B 1 10 ? -1.056  -2.713  -8.214  0.750 22.956 ? 10  ARG B CD   1 
ATOM   355 C CD   B ARG B 1 10 ? -1.226  -3.400  -8.939  0.250 29.436 ? 10  ARG B CD   1 
ATOM   356 N NE   A ARG B 1 10 ? 0.308   -2.346  -8.642  0.750 23.234 ? 10  ARG B NE   1 
ATOM   357 N NE   B ARG B 1 10 ? -1.459  -4.154  -7.719  0.250 40.858 ? 10  ARG B NE   1 
ATOM   358 C CZ   A ARG B 1 10 ? 1.276   -3.181  -9.014  0.750 18.997 ? 10  ARG B CZ   1 
ATOM   359 C CZ   B ARG B 1 10 ? -1.199  -5.444  -7.554  0.250 46.863 ? 10  ARG B CZ   1 
ATOM   360 N NH1  A ARG B 1 10 ? 2.459   -2.678  -9.330  0.750 23.101 ? 10  ARG B NH1  1 
ATOM   361 N NH1  B ARG B 1 10 ? -1.441  -5.995  -6.378  0.250 50.705 ? 10  ARG B NH1  1 
ATOM   362 N NH2  A ARG B 1 10 ? 1.071   -4.490  -9.060  0.750 26.564 ? 10  ARG B NH2  1 
ATOM   363 N NH2  B ARG B 1 10 ? -0.747  -6.179  -8.550  0.250 72.073 ? 10  ARG B NH2  1 
ATOM   364 H H    . ARG B 1 10 ? -3.831  -1.112  -6.341  1.000 12.934 ? 10  ARG B H    1 
ATOM   365 H HA   A ARG B 1 10 ? -4.091  -0.578  -9.167  0.750 13.027 ? 10  ARG B HA   1 
ATOM   366 H HA   B ARG B 1 10 ? -4.150  -0.466  -9.144  0.250 13.474 ? 10  ARG B HA   1 
ATOM   367 H HB2  A ARG B 1 10 ? -3.532  -2.991  -7.746  0.750 16.229 ? 10  ARG B HB2  1 
ATOM   368 H HB2  B ARG B 1 10 ? -3.604  -3.062  -8.108  0.250 13.642 ? 10  ARG B HB2  1 
ATOM   369 H HB3  A ARG B 1 10 ? -4.098  -3.057  -9.229  0.750 16.350 ? 10  ARG B HB3  1 
ATOM   370 H HB3  B ARG B 1 10 ? -3.718  -2.707  -9.649  0.250 14.768 ? 10  ARG B HB3  1 
ATOM   371 H HG2  A ARG B 1 10 ? -2.082  -2.896  -9.957  0.750 20.131 ? 10  ARG B HG2  1 
ATOM   372 H HG2  B ARG B 1 10 ? -1.724  -1.512  -9.594  0.250 18.830 ? 10  ARG B HG2  1 
ATOM   373 H HG3  A ARG B 1 10 ? -2.047  -1.412  -9.418  0.750 20.151 ? 10  ARG B HG3  1 
ATOM   374 H HG3  B ARG B 1 10 ? -1.653  -1.623  -8.003  0.250 18.396 ? 10  ARG B HG3  1 
ATOM   375 H HD2  A ARG B 1 10 ? -1.229  -2.282  -7.351  0.750 23.460 ? 10  ARG B HD2  1 
ATOM   376 H HD2  B ARG B 1 10 ? -1.571  -3.898  -9.710  0.250 25.780 ? 10  ARG B HD2  1 
ATOM   377 H HD3  A ARG B 1 10 ? -1.089  -3.680  -8.060  0.750 21.856 ? 10  ARG B HD3  1 
ATOM   378 H HD3  B ARG B 1 10 ? -0.264  -3.254  -9.065  0.250 31.299 ? 10  ARG B HD3  1 
ATOM   379 H HE   A ARG B 1 10 ? 0.510   -1.499  -8.619  0.750 22.055 ? 10  ARG B HE   1 
ATOM   380 H HE   B ARG B 1 10 ? -1.746  -3.715  -7.025  0.250 46.279 ? 10  ARG B HE   1 
ATOM   381 H HH11 A ARG B 1 10 ? 2.589   -1.810  -9.307  0.750 22.184 ? 10  ARG B HH11 1 
ATOM   382 H HH11 B ARG B 1 10 ? -1.745  -5.501  -5.717  0.250 55.710 ? 10  ARG B HH11 1 
ATOM   383 H HH12 A ARG B 1 10 ? 3.106   -3.212  -9.593  0.750 21.660 ? 10  ARG B HH12 1 
ATOM   384 H HH12 B ARG B 1 10 ? -1.282  -6.845  -6.258  0.250 55.021 ? 10  ARG B HH12 1 
ATOM   385 H HH21 A ARG B 1 10 ? 0.290   -4.827  -8.841  0.750 25.685 ? 10  ARG B HH21 1 
ATOM   386 H HH21 B ARG B 1 10 ? -0.591  -5.812  -9.334  0.250 80.762 ? 10  ARG B HH21 1 
ATOM   387 H HH22 A ARG B 1 10 ? 1.723   -5.025  -9.313  0.750 24.431 ? 10  ARG B HH22 1 
ATOM   388 H HH22 B ARG B 1 10 ? -0.595  -7.036  -8.426  0.250 66.420 ? 10  ARG B HH22 1 
HETATM 389 N N    . DVA B 1 11 ? -6.473  -1.350  -9.304  1.000 8.798  ? 11  DVA B N    1 
HETATM 390 C CA   . DVA B 1 11 ? -7.894  -1.682  -9.300  1.000 9.237  ? 11  DVA B CA   1 
HETATM 391 C CB   . DVA B 1 11 ? -8.184  -2.893  -10.181 1.000 11.940 ? 11  DVA B CB   1 
HETATM 392 C CG1  . DVA B 1 11 ? -7.354  -4.100  -9.828  1.000 15.047 ? 11  DVA B CG1  1 
HETATM 393 C CG2  . DVA B 1 11 ? -9.671  -3.240  -10.132 1.000 15.328 ? 11  DVA B CG2  1 
HETATM 394 C C    . DVA B 1 11 ? -8.634  -0.462  -9.790  1.000 8.614  ? 11  DVA B C    1 
HETATM 395 O O    . DVA B 1 11 ? -8.524  -0.109  -10.978 1.000 9.887  ? 11  DVA B O    1 
HETATM 396 H H    . DVA B 1 11 ? -6.042  -1.101  -10.182 1.000 9.599  ? 11  DVA B H    1 
HETATM 397 H HA   . DVA B 1 11 ? -8.174  -1.879  -8.389  1.000 9.204  ? 11  DVA B HA   1 
HETATM 398 H HB   . DVA B 1 11 ? -7.964  -2.642  -11.112 1.000 11.947 ? 11  DVA B HB   1 
HETATM 399 H HG11 . DVA B 1 11 ? -7.620  -4.852  -10.383 1.000 14.306 ? 11  DVA B HG11 1 
HETATM 400 H HG12 . DVA B 1 11 ? -7.489  -4.324  -8.891  1.000 14.573 ? 11  DVA B HG12 1 
HETATM 401 H HG13 . DVA B 1 11 ? -6.413  -3.904  -9.981  1.000 14.485 ? 11  DVA B HG13 1 
HETATM 402 H HG21 . DVA B 1 11 ? -9.798  -4.171  -10.383 1.000 14.192 ? 11  DVA B HG21 1 
HETATM 403 H HG22 . DVA B 1 11 ? -10.159 -2.670  -10.753 1.000 14.620 ? 11  DVA B HG22 1 
HETATM 404 H HG23 . DVA B 1 11 ? -10.009 -3.099  -9.231  1.000 14.796 ? 11  DVA B HG23 1 
ATOM   405 N N    . ASP B 1 12 ? -9.366  0.226   -8.918  1.000 8.577  ? 12  ASP B N    1 
ATOM   406 C CA   . ASP B 1 12 ? -10.037 1.462   -9.306  1.000 8.770  ? 12  ASP B CA   1 
ATOM   407 C C    . ASP B 1 12 ? -9.835  2.482   -8.220  1.000 9.101  ? 12  ASP B C    1 
ATOM   408 O O    . ASP B 1 12 ? -10.760 2.824   -7.472  1.000 9.984  ? 12  ASP B O    1 
ATOM   409 C CB   . ASP B 1 12 ? -11.495 1.218   -9.611  1.000 10.070 ? 12  ASP B CB   1 
ATOM   410 C CG   . ASP B 1 12 ? -12.188 2.353   -10.347 1.000 10.039 ? 12  ASP B CG   1 
ATOM   411 O OD1  . ASP B 1 12 ? -11.633 3.477   -10.422 1.000 11.791 ? 12  ASP B OD1  1 
ATOM   412 O OD2  . ASP B 1 12 ? -13.312 2.120   -10.819 1.000 11.395 ? 12  ASP B OD2  1 
ATOM   413 H H    . ASP B 1 12 ? -9.462  -0.107  -7.969  1.000 8.532  ? 12  ASP B H    1 
ATOM   414 H HA   . ASP B 1 12 ? -9.611  1.800   -10.128 1.000 8.932  ? 12  ASP B HA   1 
ATOM   415 H HB2  . ASP B 1 12 ? -11.568 0.413   -10.163 1.000 9.956  ? 12  ASP B HB2  1 
ATOM   416 H HB3  . ASP B 1 12 ? -11.976 1.055   -8.775  1.000 9.941  ? 12  ASP B HB3  1 
HETATM 417 S S    . SO4 C 2 .  ? 18.656  -1.984  12.755  0.500 24.098 ? 101 SO4 A S    1 
HETATM 418 O O1   . SO4 C 2 .  ? 18.251  -2.837  13.822  0.500 40.747 ? 101 SO4 A O1   1 
HETATM 419 O O2   . SO4 C 2 .  ? 17.832  -0.872  12.792  0.500 22.776 ? 101 SO4 A O2   1 
HETATM 420 O O3   . SO4 C 2 .  ? 18.436  -2.692  11.528  0.500 21.413 ? 101 SO4 A O3   1 
HETATM 421 O O4   . SO4 C 2 .  ? 20.009  -1.611  12.812  0.500 22.041 ? 101 SO4 A O4   1 
HETATM 422 O O    A HOH D 3 .  ? -0.950  -0.771  11.276  0.500 22.270 ? 201 HOH A O    1 
HETATM 423 O O    B HOH D 3 .  ? 1.022   -1.648  10.983  0.500 19.658 ? 201 HOH A O    1 
HETATM 424 O O    . HOH D 3 .  ? 0.495   5.732   10.347  1.000 26.610 ? 202 HOH A O    1 
HETATM 425 O O    . HOH D 3 .  ? 10.417  -5.526  11.263  1.000 13.651 ? 203 HOH A O    1 
HETATM 426 O O    . HOH D 3 .  ? 2.558   -10.201 5.760   1.000 13.782 ? 204 HOH A O    1 
HETATM 427 O O    . HOH D 3 .  ? 16.726  -5.182  7.195   1.000 19.135 ? 205 HOH A O    1 
HETATM 428 O O    . HOH D 3 .  ? 6.872   -5.698  11.820  1.000 31.923 ? 206 HOH A O    1 
HETATM 429 O O    . HOH D 3 .  ? 0.069   -10.359 -1.311  1.000 35.396 ? 207 HOH A O    1 
HETATM 430 O O    . HOH D 3 .  ? 5.914   -15.602 -1.369  1.000 41.388 ? 208 HOH A O    1 
HETATM 431 O O    . HOH D 3 .  ? 10.987  -4.271  13.789  1.000 14.401 ? 209 HOH A O    1 
HETATM 432 O O    . HOH D 3 .  ? 3.172   4.892   12.968  1.000 41.818 ? 210 HOH A O    1 
HETATM 433 O O    . HOH D 3 .  ? -3.910  -0.274  3.859   0.500 28.343 ? 211 HOH A O    1 
HETATM 434 O O    . HOH D 3 .  ? 9.313   -11.933 0.450   1.000 28.840 ? 212 HOH A O    1 
HETATM 435 O O    . HOH D 3 .  ? -0.034  8.398   9.185   1.000 45.660 ? 213 HOH A O    1 
HETATM 436 O O    . HOH D 3 .  ? -6.980  -4.285  1.534   1.000 45.798 ? 214 HOH A O    1 
HETATM 437 O O    . HOH E 3 .  ? -7.224  -0.237  -5.188  1.000 26.574 ? 101 HOH B O    1 
HETATM 438 O O    . HOH E 3 .  ? -6.433  14.688  -0.713  1.000 19.962 ? 102 HOH B O    1 
HETATM 439 O O    . HOH E 3 .  ? -3.035  10.774  -6.333  1.000 27.546 ? 103 HOH B O    1 
HETATM 440 O O    . HOH E 3 .  ? -9.778  4.650   -3.790  1.000 13.978 ? 104 HOH B O    1 
HETATM 441 O O    . HOH E 3 .  ? -9.213  4.725   -10.930 1.000 25.529 ? 105 HOH B O    1 
HETATM 442 O O    . HOH E 3 .  ? 0.710   1.190   -3.317  1.000 18.602 ? 106 HOH B O    1 
HETATM 443 O O    . HOH E 3 .  ? -3.092  14.397  -5.084  1.000 18.453 ? 107 HOH B O    1 
HETATM 444 O O    . HOH E 3 .  ? -12.076 4.444   -13.060 1.000 31.778 ? 108 HOH B O    1 
HETATM 445 O O    . HOH E 3 .  ? -6.437  6.122   -10.351 1.000 45.531 ? 109 HOH B O    1 
HETATM 446 O O    . HOH E 3 .  ? -9.667  -0.556  -6.162  1.000 10.989 ? 110 HOH B O    1 
HETATM 447 O O    A HOH E 3 .  ? -18.791 5.556   -10.139 0.400 23.330 ? 111 HOH B O    1 
HETATM 448 O O    B HOH E 3 .  ? -18.046 3.572   -10.821 0.600 21.882 ? 111 HOH B O    1 
HETATM 449 O O    . HOH E 3 .  ? -16.640 7.585   -7.201  1.000 19.157 ? 112 HOH B O    1 
HETATM 450 O O    . HOH E 3 .  ? -3.657  -1.921  -4.553  1.000 22.551 ? 113 HOH B O    1 
HETATM 451 O O    . HOH E 3 .  ? -16.314 6.616   -4.748  1.000 34.806 ? 114 HOH B O    1 
# 
loop_
_atom_site_anisotrop.id 
_atom_site_anisotrop.type_symbol 
_atom_site_anisotrop.pdbx_label_atom_id 
_atom_site_anisotrop.pdbx_label_alt_id 
_atom_site_anisotrop.pdbx_label_comp_id 
_atom_site_anisotrop.pdbx_label_asym_id 
_atom_site_anisotrop.pdbx_label_seq_id 
_atom_site_anisotrop.pdbx_PDB_ins_code 
_atom_site_anisotrop.U[1][1] 
_atom_site_anisotrop.U[2][2] 
_atom_site_anisotrop.U[3][3] 
_atom_site_anisotrop.U[1][2] 
_atom_site_anisotrop.U[1][3] 
_atom_site_anisotrop.U[2][3] 
_atom_site_anisotrop.pdbx_auth_seq_id 
_atom_site_anisotrop.pdbx_auth_comp_id 
_atom_site_anisotrop.pdbx_auth_asym_id 
_atom_site_anisotrop.pdbx_auth_atom_id 
1   N N    . PRO A 1  ? 0.1127 0.1159 0.0914 -0.0010 0.0082  0.0306  1   PRO A N    
2   C CA   . PRO A 1  ? 0.1272 0.1214 0.0764 0.0039  0.0016  0.0197  1   PRO A CA   
3   C C    . PRO A 1  ? 0.1257 0.1306 0.0717 0.0037  0.0121  0.0312  1   PRO A C    
4   O O    . PRO A 1  ? 0.2155 0.1492 0.0833 -0.0205 0.0259  0.0331  1   PRO A O    
5   C CB   . PRO A 1  ? 0.1248 0.1446 0.0965 0.0115  -0.0014 0.0078  1   PRO A CB   
6   C CG   . PRO A 1  ? 0.1365 0.1556 0.1609 -0.0043 -0.0129 0.0258  1   PRO A CG   
7   C CD   . PRO A 1  ? 0.1203 0.1271 0.1256 -0.0091 0.0155  0.0201  1   PRO A CD   
8   H HA   . PRO A 1  ? 0.1236 0.1251 0.0813 0.0033  0.0048  0.0217  1   PRO A HA   
9   H HB2  . PRO A 1  ? 0.1235 0.1386 0.1009 0.0102  -0.0001 0.0127  1   PRO A HB2  
10  H HB3  . PRO A 1  ? 0.1276 0.1412 0.0962 0.0069  -0.0026 0.0135  1   PRO A HB3  
11  H HG2  . PRO A 1  ? 0.1377 0.1450 0.1563 -0.0001 -0.0144 0.0196  1   PRO A HG2  
12  H HG3  . PRO A 1  ? 0.1329 0.1503 0.1438 0.0028  -0.0009 0.0258  1   PRO A HG3  
13  H HD2  . PRO A 1  ? 0.1206 0.1297 0.1277 -0.0055 0.0092  0.0208  1   PRO A HD2  
14  H HD3  . PRO A 1  ? 0.1201 0.1266 0.1183 -0.0053 0.0091  0.0228  1   PRO A HD3  
15  N N    . ARG A 2  ? 0.1157 0.1267 0.0595 0.0038  0.0123  0.0234  2   ARG A N    
16  C CA   . ARG A 2  ? 0.1193 0.1397 0.0570 0.0097  0.0065  0.0197  2   ARG A CA   
17  C C    . ARG A 2  ? 0.1091 0.1404 0.0585 0.0084  0.0079  0.0169  2   ARG A C    
18  O O    . ARG A 2  ? 0.1352 0.1579 0.0598 0.0262  0.0040  0.0121  2   ARG A O    
19  C CB   . ARG A 2  ? 0.1285 0.1597 0.0718 0.0223  0.0010  0.0058  2   ARG A CB   
20  C CG   . ARG A 2  ? 0.1253 0.1522 0.0825 0.0089  0.0037  0.0127  2   ARG A CG   
21  C CD   . ARG A 2  ? 0.1337 0.1849 0.0945 0.0333  -0.0130 -0.0098 2   ARG A CD   
22  N NE   . ARG A 2  ? 0.1347 0.1697 0.0937 0.0259  -0.0151 -0.0070 2   ARG A NE   
23  C CZ   . ARG A 2  ? 0.1241 0.1814 0.1095 0.0301  -0.0161 -0.0061 2   ARG A CZ   
24  N NH1  . ARG A 2  ? 0.1300 0.1862 0.1548 0.0296  -0.0297 -0.0418 2   ARG A NH1  
25  N NH2  . ARG A 2  ? 0.1429 0.2152 0.1790 0.0503  -0.0421 -0.0662 2   ARG A NH2  
26  H H    . ARG A 2  ? 0.1182 0.1302 0.0596 0.0045  0.0121  0.0249  2   ARG A H    
27  H HA   . ARG A 2  ? 0.1178 0.1392 0.0600 0.0081  0.0087  0.0193  2   ARG A HA   
28  H HB2  . ARG A 2  ? 0.1277 0.1588 0.0755 0.0187  -0.0001 0.0058  2   ARG A HB2  
29  H HB3  . ARG A 2  ? 0.1255 0.1540 0.0704 0.0166  0.0023  0.0092  2   ARG A HB3  
30  H HG2  . ARG A 2  ? 0.1248 0.1510 0.0792 0.0111  0.0024  0.0120  2   ARG A HG2  
31  H HG3  . ARG A 2  ? 0.1273 0.1591 0.0835 0.0160  -0.0006 0.0075  2   ARG A HG3  
32  H HD2  . ARG A 2  ? 0.1338 0.1864 0.0958 0.0304  -0.0121 -0.0095 2   ARG A HD2  
33  H HD3  . ARG A 2  ? 0.1320 0.1757 0.0944 0.0261  -0.0098 -0.0051 2   ARG A HD3  
34  H HE   . ARG A 2  ? 0.1315 0.1721 0.0974 0.0269  -0.0152 -0.0103 2   ARG A HE   
35  H HH11 . ARG A 2  ? 0.1280 0.1798 0.1353 0.0272  -0.0250 -0.0307 2   ARG A HH11 
36  H HH12 . ARG A 2  ? 0.1282 0.1837 0.1371 0.0298  -0.0253 -0.0295 2   ARG A HH12 
37  H HH21 . ARG A 2  ? 0.1354 0.1990 0.1456 0.0418  -0.0301 -0.0398 2   ARG A HH21 
38  H HH22 . ARG A 2  ? 0.1395 0.2000 0.1475 0.0418  -0.0295 -0.0404 2   ARG A HH22 
39  N N    . DVA A 3  ? 0.1325 0.1467 0.0508 0.0226  0.0023  0.0130  3   DVA A N    
40  C CA   . DVA A 3  ? 0.1309 0.1428 0.0623 0.0197  -0.0020 0.0123  3   DVA A CA   
41  C CB   . DVA A 3  ? 0.1609 0.1641 0.1071 0.0071  0.0013  -0.0023 3   DVA A CB   
42  C CG1  . DVA A 3  ? 0.1945 0.2049 0.1316 -0.0248 0.0135  -0.0171 3   DVA A CG1  
43  C CG2  . DVA A 3  ? 0.2195 0.1570 0.1515 0.0297  -0.0132 -0.0059 3   DVA A CG2  
44  C C    . DVA A 3  ? 0.1338 0.1387 0.0655 0.0234  0.0011  0.0125  3   DVA A C    
45  O O    . DVA A 3  ? 0.1363 0.1848 0.0660 0.0184  0.0062  0.0243  3   DVA A O    
46  H H    . DVA A 3  ? 0.1255 0.1451 0.0524 0.0187  -0.0002 0.0136  3   DVA A H    
47  H HA   . DVA A 3  ? 0.1346 0.1451 0.0623 0.0196  -0.0001 0.0122  3   DVA A HA   
48  H HB   . DVA A 3  ? 0.1645 0.1631 0.1064 0.0103  -0.0009 -0.0021 3   DVA A HB   
49  H HG11 . DVA A 3  ? 0.1834 0.1952 0.1254 -0.0138 0.0100  -0.0112 3   DVA A HG11 
50  H HG12 . DVA A 3  ? 0.1829 0.1946 0.1305 -0.0149 0.0085  -0.0150 3   DVA A HG12 
51  H HG13 . DVA A 3  ? 0.1889 0.2070 0.1241 -0.0249 0.0136  -0.0174 3   DVA A HG13 
52  H HG21 . DVA A 3  ? 0.2017 0.1660 0.1393 0.0237  -0.0064 -0.0035 3   DVA A HG21 
53  H HG22 . DVA A 3  ? 0.2169 0.1637 0.1484 0.0251  -0.0161 -0.0069 3   DVA A HG22 
54  H HG23 . DVA A 3  ? 0.1984 0.1595 0.1471 0.0219  -0.0048 -0.0049 3   DVA A HG23 
55  N N    . ASP A 4  ? 0.1237 0.1437 0.0616 0.0142  0.0016  0.0179  4   ASP A N    
56  C CA   . ASP A 4  ? 0.1371 0.1487 0.0583 0.0122  0.0012  0.0232  4   ASP A CA   
57  C C    . ASP A 4  ? 0.1245 0.1463 0.0642 0.0127  0.0077  0.0337  4   ASP A C    
58  O O    . ASP A 4  ? 0.1676 0.1487 0.0767 0.0105  -0.0176 0.0325  4   ASP A O    
59  C CB   . ASP A 4  ? 0.1421 0.1686 0.0982 0.0246  0.0073  0.0015  4   ASP A CB   
60  C CG   . ASP A 4  ? 0.1621 0.2241 0.1759 0.0234  0.0038  -0.0518 4   ASP A CG   
61  O OD1  . ASP A 4  ? 0.1521 0.2522 0.2067 0.0059  0.0290  -0.0402 4   ASP A OD1  
62  O OD2  . ASP A 4  ? 0.1606 0.2661 0.3172 0.0517  -0.0169 -0.0945 4   ASP A OD2  
63  H H    . ASP A 4  ? 0.1286 0.1436 0.0608 0.0152  0.0023  0.0175  4   ASP A H    
64  H HA   . ASP A 4  ? 0.1343 0.1480 0.0627 0.0142  0.0044  0.0257  4   ASP A HA   
65  H HB2  . ASP A 4  ? 0.1452 0.1732 0.1026 0.0207  0.0055  -0.0007 4   ASP A HB2  
66  H HB3  . ASP A 4  ? 0.1457 0.1700 0.0973 0.0205  0.0050  0.0014  4   ASP A HB3  
67  N N    . PRO A 5  ? 0.1425 0.1440 0.0754 0.0145  -0.0025 0.0203  5   PRO A N    
68  C CA   . PRO A 5  ? 0.1273 0.1564 0.0843 -0.0005 0.0029  0.0134  5   PRO A CA   
69  C C    . PRO A 5  ? 0.1348 0.1606 0.0686 -0.0032 0.0129  0.0237  5   PRO A C    
70  O O    . PRO A 5  ? 0.1748 0.2335 0.0956 -0.0453 -0.0110 0.0628  5   PRO A O    
71  C CB   . PRO A 5  ? 0.1494 0.1482 0.1444 0.0048  -0.0068 0.0007  5   PRO A CB   
72  C CG   . PRO A 5  ? 0.1749 0.1714 0.1667 0.0307  -0.0196 0.0232  5   PRO A CG   
73  C CD   . PRO A 5  ? 0.1933 0.1520 0.1258 0.0272  -0.0442 0.0205  5   PRO A CD   
74  H HA   . PRO A 5  ? 0.1349 0.1520 0.0890 0.0037  0.0016  0.0151  5   PRO A HA   
75  H HB2  . PRO A 5  ? 0.1480 0.1468 0.1282 0.0067  -0.0074 0.0052  5   PRO A HB2  
76  H HB3  . PRO A 5  ? 0.1500 0.1544 0.1317 0.0088  -0.0079 0.0077  5   PRO A HB3  
77  H HG2  . PRO A 5  ? 0.1753 0.1660 0.1537 0.0275  -0.0244 0.0141  5   PRO A HG2  
78  H HG3  . PRO A 5  ? 0.1739 0.1620 0.1521 0.0230  -0.0230 0.0157  5   PRO A HG3  
79  H HD2  . PRO A 5  ? 0.1813 0.1536 0.1361 0.0275  -0.0376 0.0172  5   PRO A HD2  
80  H HD3  . PRO A 5  ? 0.1782 0.1550 0.1167 0.0286  -0.0251 0.0214  5   PRO A HD3  
81  N N    . ARG A 6  ? 0.1136 0.1309 0.0716 -0.0043 0.0176  0.0250  6   ARG A N    
82  C CA   . ARG A 6  ? 0.1136 0.1313 0.0690 -0.0076 0.0229  0.0254  6   ARG A CA   
83  C C    . ARG A 6  ? 0.1065 0.1257 0.0768 -0.0034 0.0228  0.0390  6   ARG A C    
84  O O    . ARG A 6  ? 0.1276 0.1468 0.0885 -0.0199 0.0339  0.0152  6   ARG A O    
85  C CB   . ARG A 6  ? 0.1189 0.1473 0.0979 -0.0011 0.0176  0.0057  6   ARG A CB   
86  C CG   . ARG A 6  ? 0.1358 0.1791 0.1131 0.0062  0.0194  0.0007  6   ARG A CG   
87  C CD   . ARG A 6  ? 0.1365 0.1777 0.1148 -0.0074 0.0233  0.0109  6   ARG A CD   
88  N NE   . ARG A 6  ? 0.1501 0.1937 0.1612 0.0135  0.0132  -0.0370 6   ARG A NE   
89  C CZ   . ARG A 6  ? 0.1427 0.2055 0.1588 0.0175  0.0314  -0.0347 6   ARG A CZ   
90  N NH1  . ARG A 6  ? 0.1460 0.2026 0.1955 0.0137  0.0096  -0.0447 6   ARG A NH1  
91  N NH2  . ARG A 6  ? 0.1629 0.2425 0.2106 0.0271  -0.0006 -0.0858 6   ARG A NH2  
92  H H    . ARG A 6  ? 0.1176 0.1364 0.0710 -0.0056 0.0188  0.0254  6   ARG A H    
93  H HA   . ARG A 6  ? 0.1141 0.1311 0.0728 -0.0064 0.0207  0.0291  6   ARG A HA   
94  H HB2  . ARG A 6  ? 0.1209 0.1510 0.0981 -0.0007 0.0181  0.0069  6   ARG A HB2  
95  H HB3  . ARG A 6  ? 0.1191 0.1491 0.0938 -0.0023 0.0190  0.0103  6   ARG A HB3  
96  H HG2  . ARG A 6  ? 0.1327 0.1736 0.1147 0.0022  0.0197  0.0003  6   ARG A HG2  
97  H HG3  . ARG A 6  ? 0.1379 0.1738 0.1103 0.0063  0.0186  0.0035  6   ARG A HG3  
98  H HD2  . ARG A 6  ? 0.1366 0.1785 0.1129 0.0018  0.0157  0.0023  6   ARG A HD2  
99  H HD3  . ARG A 6  ? 0.1297 0.1754 0.1219 -0.0071 0.0225  0.0016  6   ARG A HD3  
100 H HE   . ARG A 6  ? 0.1470 0.1923 0.1487 0.0086  0.0195  -0.0235 6   ARG A HE   
101 H HH11 . ARG A 6  ? 0.1450 0.2018 0.1793 0.0136  0.0162  -0.0392 6   ARG A HH11 
102 H HH12 . ARG A 6  ? 0.1457 0.2043 0.1810 0.0137  0.0165  -0.0408 6   ARG A HH12 
103 H HH21 . ARG A 6  ? 0.1568 0.2258 0.1894 0.0218  0.0119  -0.0630 6   ARG A HH21 
104 H HH22 . ARG A 6  ? 0.1577 0.2296 0.1887 0.0196  0.0107  -0.0625 6   ARG A HH22 
105 N N    . DVA A 7  ? 0.1060 0.1368 0.0762 -0.0063 0.0232  0.0255  7   DVA A N    
106 C CA   . DVA A 7  ? 0.1120 0.1558 0.0722 -0.0040 0.0114  0.0245  7   DVA A CA   
107 C CB   . DVA A 7  ? 0.1488 0.2148 0.1255 0.0284  -0.0362 -0.0119 7   DVA A CB   
108 C CG1  . DVA A 7  ? 0.1682 0.2183 0.1655 0.0130  -0.0197 0.0547  7   DVA A CG1  
109 C CG2  . DVA A 7  ? 0.1751 0.2858 0.1771 0.0028  -0.0445 -0.0395 7   DVA A CG2  
110 C C    . DVA A 7  ? 0.1025 0.1510 0.0756 -0.0111 0.0138  0.0159  7   DVA A C    
111 O O    . DVA A 7  ? 0.1221 0.1509 0.1009 -0.0096 0.0352  0.0193  7   DVA A O    
112 H H    . DVA A 7  ? 0.1050 0.1400 0.0750 -0.0044 0.0225  0.0262  7   DVA A H    
113 H HA   . DVA A 7  ? 0.1106 0.1561 0.0732 -0.0052 0.0135  0.0227  7   DVA A HA   
114 H HB   . DVA A 7  ? 0.1492 0.2134 0.1414 0.0196  -0.0317 -0.0079 7   DVA A HB   
115 H HG11 . DVA A 7  ? 0.1707 0.2146 0.1587 0.0173  -0.0198 0.0328  7   DVA A HG11 
116 H HG12 . DVA A 7  ? 0.1578 0.2095 0.1528 0.0126  -0.0196 0.0385  7   DVA A HG12 
117 H HG13 . DVA A 7  ? 0.1598 0.2144 0.1757 0.0151  -0.0240 0.0424  7   DVA A HG13 
118 H HG21 . DVA A 7  ? 0.1789 0.2612 0.1609 0.0091  -0.0360 -0.0282 7   DVA A HG21 
119 H HG22 . DVA A 7  ? 0.1672 0.2872 0.1585 0.0109  -0.0407 -0.0360 7   DVA A HG22 
120 H HG23 . DVA A 7  ? 0.1783 0.2536 0.1601 0.0123  -0.0495 -0.0269 7   DVA A HG23 
121 N N    . ASP A 8  ? 0.1084 0.1495 0.0720 -0.0003 0.0141  0.0232  8   ASP A N    
122 C CA   . ASP A 8  ? 0.1152 0.1501 0.0667 -0.0068 0.0099  0.0170  8   ASP A CA   
123 C C    . ASP A 8  ? 0.1121 0.1369 0.0650 0.0057  0.0186  0.0231  8   ASP A C    
124 O O    . ASP A 8  ? 0.1112 0.1701 0.0737 0.0030  0.0188  0.0154  8   ASP A O    
125 C CB   . ASP A 8  ? 0.1238 0.1606 0.0916 -0.0064 0.0072  0.0056  8   ASP A CB   
126 C CG   . ASP A 8  ? 0.1383 0.1662 0.1125 -0.0053 0.0077  -0.0030 8   ASP A CG   
127 O OD1  . ASP A 8  ? 0.1534 0.1522 0.1224 -0.0012 -0.0005 0.0061  8   ASP A OD1  
128 O OD2  . ASP A 8  ? 0.1850 0.1898 0.1551 0.0183  -0.0225 -0.0434 8   ASP A OD2  
129 H H    . ASP A 8  ? 0.1077 0.1485 0.0718 -0.0055 0.0135  0.0215  8   ASP A H    
130 H HA   . ASP A 8  ? 0.1151 0.1495 0.0694 -0.0034 0.0142  0.0179  8   ASP A HA   
131 H HB2  . ASP A 8  ? 0.1237 0.1594 0.0899 -0.0068 0.0075  0.0059  8   ASP A HB2  
132 H HB3  . ASP A 8  ? 0.1243 0.1611 0.0916 -0.0053 0.0074  0.0047  8   ASP A HB3  
133 N N    . PRO A 9  ? 0.1077 0.1444 0.0679 -0.0083 0.0191  0.0131  9   PRO A N    
134 C CA   . PRO A 9  ? 0.1049 0.1400 0.0812 -0.0026 0.0197  0.0324  9   PRO A CA   
135 C C    . PRO A 9  ? 0.1217 0.1398 0.0794 -0.0074 0.0076  0.0333  9   PRO A C    
136 O O    . PRO A 9  ? 0.1442 0.1709 0.1159 0.0131  0.0273  0.0607  9   PRO A O    
137 C CB   . PRO A 9  ? 0.1248 0.1418 0.0995 -0.0017 -0.0064 0.0184  9   PRO A CB   
138 C CG   . PRO A 9  ? 0.1470 0.1756 0.0954 0.0028  0.0033  -0.0029 9   PRO A CG   
139 C CD   . PRO A 9  ? 0.1241 0.1585 0.0784 -0.0037 0.0196  0.0088  9   PRO A CD   
140 H HA   . PRO A 9  ? 0.1109 0.1408 0.0743 -0.0047 0.0158  0.0283  9   PRO A HA   
141 H HB2  . PRO A 9  ? 0.1207 0.1475 0.0917 -0.0014 -0.0001 0.0171  9   PRO A HB2  
142 H HB3  . PRO A 9  ? 0.1237 0.1432 0.0931 -0.0004 0.0014  0.0194  9   PRO A HB3  
143 H HG2  . PRO A 9  ? 0.1373 0.1684 0.0993 -0.0019 0.0079  0.0004  9   PRO A HG2  
144 H HG3  . PRO A 9  ? 0.1370 0.1650 0.0940 -0.0013 0.0047  0.0052  9   PRO A HG3  
145 H HD2  . PRO A 9  ? 0.1233 0.1564 0.0792 -0.0047 0.0162  0.0079  9   PRO A HD2  
146 H HD3  . PRO A 9  ? 0.1243 0.1578 0.0779 -0.0046 0.0166  0.0082  9   PRO A HD3  
147 N N    . ARG A 10 ? 0.1065 0.1333 0.0752 0.0020  0.0041  0.0298  10  ARG A N    
148 C CA   . ARG A 10 ? 0.1083 0.1258 0.0848 -0.0062 -0.0026 0.0314  10  ARG A CA   
149 C C    . ARG A 10 ? 0.1119 0.1268 0.0584 0.0009  0.0086  0.0269  10  ARG A C    
150 O O    . ARG A 10 ? 0.1240 0.1311 0.1110 -0.0084 -0.0046 0.0415  10  ARG A O    
151 C CB   . ARG A 10 ? 0.1276 0.1359 0.1505 0.0031  -0.0342 0.0023  10  ARG A CB   
152 C CG   . ARG A 10 ? 0.1358 0.1748 0.2204 0.0147  -0.0571 -0.0109 10  ARG A CG   
153 C CD   . ARG A 10 ? 0.1453 0.1534 0.2613 -0.0107 -0.0330 0.0281  10  ARG A CD   
154 N NE   . ARG A 10 ? 0.1290 0.1594 0.2636 -0.0149 -0.0245 0.0112  10  ARG A NE   
155 C CZ   . ARG A 10 ? 0.1444 0.1634 0.2952 -0.0032 0.0018  -0.0123 10  ARG A CZ   
156 N NH1  . ARG A 10 ? 0.1813 0.2573 0.3804 0.0424  -0.0170 -0.0815 10  ARG A NH1  
157 N NH2  . ARG A 10 ? 0.1600 0.1842 0.3028 0.0009  -0.0063 -0.0731 10  ARG A NH2  
158 H H    . ARG A 10 ? 0.1100 0.1317 0.0793 -0.0018 0.0035  0.0312  10  ARG A H    
159 H HA   . ARG A 10 ? 0.1123 0.1293 0.0805 -0.0022 -0.0020 0.0283  10  ARG A HA   
160 H HB2  . ARG A 10 ? 0.1247 0.1421 0.1532 0.0037  -0.0314 0.0049  10  ARG A HB2  
161 H HB3  . ARG A 10 ? 0.1226 0.1397 0.1436 0.0023  -0.0283 0.0086  10  ARG A HB3  
162 H HG2  . ARG A 10 ? 0.1391 0.1566 0.2253 0.0051  -0.0522 0.0021  10  ARG A HG2  
163 H HG3  . ARG A 10 ? 0.1373 0.1602 0.2106 0.0025  -0.0426 0.0015  10  ARG A HG3  
164 H HD2  . ARG A 10 ? 0.1422 0.1614 0.2584 -0.0037 -0.0376 0.0119  10  ARG A HD2  
165 H HD3  . ARG A 10 ? 0.1392 0.1566 0.2502 -0.0014 -0.0388 0.0168  10  ARG A HD3  
166 H HE   . ARG A 10 ? 0.1387 0.1630 0.2653 -0.0106 -0.0213 0.0052  10  ARG A HE   
167 H HH11 . ARG A 10 ? 0.1814 0.2120 0.3316 0.0214  -0.0059 -0.0422 10  ARG A HH11 
168 H HH12 . ARG A 10 ? 0.1688 0.2226 0.3425 0.0242  -0.0059 -0.0408 10  ARG A HH12 
169 H HH21 . ARG A 10 ? 0.1532 0.1742 0.2906 -0.0012 -0.0039 -0.0505 10  ARG A HH21 
170 H HH22 . ARG A 10 ? 0.1536 0.1676 0.2938 -0.0036 -0.0065 -0.0563 10  ARG A HH22 
171 N N    . DVA A 11 ? 0.1063 0.1172 0.0715 -0.0030 0.0098  0.0226  11  DVA A N    
172 C CA   . DVA A 11 ? 0.1095 0.1226 0.0769 -0.0011 0.0147  0.0146  11  DVA A CA   
173 C CB   . DVA A 11 ? 0.1212 0.1425 0.1322 0.0012  0.0203  0.0008  11  DVA A CB   
174 C CG1  . DVA A 11 ? 0.1817 0.2026 0.1588 0.0153  0.0332  -0.0392 11  DVA A CG1  
175 C CG2  . DVA A 11 ? 0.1251 0.1824 0.2115 0.0067  0.0238  -0.0195 11  DVA A CG2  
176 C C    . DVA A 11 ? 0.1031 0.1146 0.0833 -0.0021 0.0093  0.0289  11  DVA A C    
177 O O    . DVA A 11 ? 0.1371 0.1234 0.0854 -0.0019 -0.0037 0.0365  11  DVA A O    
178 H H    . DVA A 11 ? 0.1085 0.1165 0.0740 -0.0029 0.0101  0.0221  11  DVA A H    
179 H HA   . DVA A 11 ? 0.1086 0.1222 0.0842 -0.0017 0.0132  0.0178  11  DVA A HA   
180 H HB   . DVA A 11 ? 0.1231 0.1448 0.1250 0.0019  0.0224  -0.0007 11  DVA A HB   
181 H HG11 . DVA A 11 ? 0.1650 0.1882 0.1508 0.0078  0.0261  -0.0239 11  DVA A HG11 
182 H HG12 . DVA A 11 ? 0.1626 0.2002 0.1602 0.0137  0.0271  -0.0386 11  DVA A HG12 
183 H HG13 . DVA A 11 ? 0.1791 0.1861 0.1469 0.0210  0.0289  -0.0233 11  DVA A HG13 
184 H HG21 . DVA A 11 ? 0.1280 0.1732 0.1847 0.0020  0.0216  -0.0110 11  DVA A HG21 
185 H HG22 . DVA A 11 ? 0.1239 0.1677 0.2094 0.0025  0.0301  -0.0138 11  DVA A HG22 
186 H HG23 . DVA A 11 ? 0.1225 0.1864 0.1791 0.0068  0.0228  -0.0158 11  DVA A HG23 
187 N N    . ASP A 12 ? 0.1113 0.1140 0.0668 -0.0040 0.0129  0.0284  12  ASP A N    
188 C CA   . ASP A 12 ? 0.1133 0.1204 0.0593 -0.0084 0.0112  0.0320  12  ASP A CA   
189 C C    . ASP A 12 ? 0.1240 0.1213 0.0557 -0.0042 0.0115  0.0247  12  ASP A C    
190 O O    . ASP A 12 ? 0.1409 0.1121 0.0890 -0.0074 0.0288  0.0207  12  ASP A O    
191 C CB   . ASP A 12 ? 0.1185 0.1387 0.0698 -0.0033 0.0138  0.0195  12  ASP A CB   
192 C CG   . ASP A 12 ? 0.1233 0.1544 0.0893 -0.0021 0.0109  0.0136  12  ASP A CG   
193 O OD1  . ASP A 12 ? 0.1405 0.1652 0.0803 -0.0048 0.0072  0.0122  12  ASP A OD1  
194 O OD2  . ASP A 12 ? 0.1379 0.1831 0.1190 -0.0117 0.0077  -0.0118 12  ASP A OD2  
195 H H    . ASP A 12 ? 0.1107 0.1151 0.0682 -0.0043 0.0102  0.0300  12  ASP A H    
196 H HA   . ASP A 12 ? 0.1147 0.1187 0.0606 -0.0087 0.0140  0.0313  12  ASP A HA   
197 H HB2  . ASP A 12 ? 0.1180 0.1370 0.0720 -0.0053 0.0121  0.0213  12  ASP A HB2  
198 H HB3  . ASP A 12 ? 0.1178 0.1360 0.0732 -0.0052 0.0134  0.0214  12  ASP A HB3  
199 N N    . PRO B 1  ? 0.1336 0.1584 0.1250 0.0065  -0.0050 -0.0030 1   PRO B N    
200 C CA   . PRO B 1  ? 0.1730 0.1510 0.1530 0.0359  -0.0372 -0.0117 1   PRO B CA   
201 C C    . PRO B 1  ? 0.1852 0.1540 0.1138 0.0164  0.0016  0.0190  1   PRO B C    
202 O O    . PRO B 1  ? 0.2441 0.2121 0.1368 0.0446  0.0423  0.0398  1   PRO B O    
203 C CB   . PRO B 1  ? 0.1688 0.1679 0.2613 0.0232  -0.0691 -0.0312 1   PRO B CB   
204 C CG   . PRO B 1  ? 0.1589 0.3167 0.2963 -0.0213 -0.0082 -0.0588 1   PRO B CG   
205 C CD   . PRO B 1  ? 0.1431 0.1750 0.1839 -0.0055 0.0289  -0.0036 1   PRO B CD   
206 H HA   . PRO B 1  ? 0.1682 0.1568 0.1640 0.0257  -0.0310 -0.0093 1   PRO B HA   
207 H HB2  . PRO B 1  ? 0.1671 0.1785 0.2324 0.0118  -0.0451 -0.0250 1   PRO B HB2  
208 H HB3  . PRO B 1  ? 0.1691 0.1904 0.2355 0.0146  -0.0432 -0.0290 1   PRO B HB3  
209 H HG2  . PRO B 1  ? 0.1769 0.2508 0.2604 0.0044  -0.0258 -0.0489 1   PRO B HG2  
210 H HG3  . PRO B 1  ? 0.1803 0.2878 0.2640 -0.0349 -0.0033 -0.0594 1   PRO B HG3  
211 H HD2  . PRO B 1  ? 0.1400 0.1855 0.1745 -0.0045 0.0124  -0.0104 1   PRO B HD2  
212 H HD3  . PRO B 1  ? 0.1387 0.1774 0.1699 -0.0040 0.0129  -0.0107 1   PRO B HD3  
213 N N    . ARG B 2  ? 0.1698 0.1428 0.0844 0.0195  0.0058  0.0334  2   ARG B N    
214 C CA   . ARG B 2  ? 0.1477 0.1320 0.0952 0.0142  0.0041  0.0453  2   ARG B CA   
215 C C    . ARG B 2  ? 0.1318 0.1353 0.0929 0.0125  0.0035  0.0390  2   ARG B C    
216 O O    . ARG B 2  ? 0.2170 0.1263 0.0947 0.0047  -0.0023 0.0441  2   ARG B O    
217 C CB   . ARG B 2  ? 0.1697 0.1326 0.1217 0.0145  -0.0056 0.0147  2   ARG B CB   
218 C CG   . ARG B 2  ? 0.1717 0.1367 0.1406 0.0151  -0.0018 0.0136  2   ARG B CG   
219 C CD   . ARG B 2  ? 0.1944 0.1427 0.1609 0.0263  -0.0251 0.0144  2   ARG B CD   
220 N NE   . ARG B 2  ? 0.1842 0.1495 0.1443 0.0216  -0.0227 0.0017  2   ARG B NE   
221 C CZ   . ARG B 2  ? 0.1681 0.1538 0.1701 0.0338  -0.0239 0.0064  2   ARG B CZ   
222 N NH1  . ARG B 2  ? 0.1617 0.1616 0.1837 0.0216  -0.0236 -0.0146 2   ARG B NH1  
223 N NH2  . ARG B 2  ? 0.1855 0.1818 0.2317 0.0343  -0.0274 -0.0411 2   ARG B NH2  
224 H H    . ARG B 2  ? 0.1672 0.1383 0.0915 0.0171  0.0035  0.0363  2   ARG B H    
225 H HA   . ARG B 2  ? 0.1497 0.1332 0.0931 0.0120  0.0070  0.0405  2   ARG B HA   
226 H HB2  . ARG B 2  ? 0.1652 0.1355 0.1253 0.0163  -0.0054 0.0188  2   ARG B HB2  
227 H HB3  . ARG B 2  ? 0.1652 0.1347 0.1201 0.0149  -0.0028 0.0221  2   ARG B HB3  
228 H HG2  . ARG B 2  ? 0.1746 0.1362 0.1372 0.0161  -0.0057 0.0155  2   ARG B HG2  
229 H HG3  . ARG B 2  ? 0.1753 0.1381 0.1385 0.0173  -0.0071 0.0145  2   ARG B HG3  
230 H HD2  . ARG B 2  ? 0.1879 0.1440 0.1601 0.0248  -0.0226 0.0080  2   ARG B HD2  
231 H HD3  . ARG B 2  ? 0.1858 0.1396 0.1566 0.0251  -0.0200 0.0097  2   ARG B HD3  
232 H HE   . ARG B 2  ? 0.1823 0.1504 0.1543 0.0241  -0.0223 0.0050  2   ARG B HE   
233 H HH11 . ARG B 2  ? 0.1647 0.1596 0.1777 0.0253  -0.0237 -0.0080 2   ARG B HH11 
234 H HH12 . ARG B 2  ? 0.1633 0.1587 0.1779 0.0262  -0.0250 -0.0084 2   ARG B HH12 
235 H HH21 . ARG B 2  ? 0.1792 0.1678 0.2030 0.0321  -0.0250 -0.0193 2   ARG B HH21 
236 H HH22 . ARG B 2  ? 0.1845 0.1690 0.2045 0.0333  -0.0224 -0.0207 2   ARG B HH22 
237 N N    . DVA B 3  ? 0.1126 0.1303 0.0840 0.0116  0.0091  0.0513  3   DVA B N    
238 C CA   . DVA B 3  ? 0.1211 0.1330 0.0719 0.0071  0.0111  0.0457  3   DVA B CA   
239 C CB   . DVA B 3  ? 0.1303 0.1405 0.0812 0.0188  0.0132  0.0491  3   DVA B CB   
240 C CG1  . DVA B 3  ? 0.1242 0.1771 0.1037 0.0240  0.0234  0.0677  3   DVA B CG1  
241 C CG2  . DVA B 3  ? 0.1834 0.1491 0.0895 0.0246  0.0299  0.0435  3   DVA B CG2  
242 C C    . DVA B 3  ? 0.1257 0.1276 0.0927 -0.0043 0.0053  0.0429  3   DVA B C    
243 O O    . DVA B 3  ? 0.1325 0.1437 0.0977 -0.0011 0.0065  0.0590  3   DVA B O    
244 H H    . DVA B 3  ? 0.1203 0.1321 0.0816 0.0116  0.0073  0.0473  3   DVA B H    
245 H HA   . DVA B 3  ? 0.1236 0.1321 0.0763 0.0083  0.0099  0.0505  3   DVA B HA   
246 H HB   . DVA B 3  ? 0.1357 0.1447 0.0825 0.0183  0.0159  0.0516  3   DVA B HB   
247 H HG11 . DVA B 3  ? 0.1297 0.1657 0.0976 0.0193  0.0193  0.0615  3   DVA B HG11 
248 H HG12 . DVA B 3  ? 0.1278 0.1649 0.0992 0.0219  0.0196  0.0607  3   DVA B HG12 
249 H HG13 . DVA B 3  ? 0.1271 0.1654 0.1075 0.0225  0.0207  0.0666  3   DVA B HG13 
250 H HG21 . DVA B 3  ? 0.1704 0.1518 0.0887 0.0181  0.0221  0.0460  3   DVA B HG21 
251 H HG22 . DVA B 3  ? 0.1700 0.1521 0.0889 0.0268  0.0212  0.0429  3   DVA B HG22 
252 H HG23 . DVA B 3  ? 0.1634 0.1487 0.0919 0.0217  0.0229  0.0418  3   DVA B HG23 
253 N N    . ASP B 4  ? 0.1108 0.1455 0.1137 -0.0060 0.0030  0.0663  4   ASP B N    
254 C CA   . ASP B 4  ? 0.1191 0.1533 0.1195 -0.0171 0.0016  0.0656  4   ASP B CA   
255 C C    . ASP B 4  ? 0.0980 0.1601 0.1199 -0.0226 0.0031  0.0762  4   ASP B C    
256 O O    . ASP B 4  ? 0.1015 0.1897 0.1178 -0.0156 0.0063  0.0821  4   ASP B O    
257 C CB   . ASP B 4  ? 0.1441 0.1686 0.1533 -0.0185 0.0104  0.0519  4   ASP B CB   
258 C CG   . ASP B 4  ? 0.1626 0.1675 0.1729 -0.0149 -0.0041 0.0479  4   ASP B CG   
259 O OD1  . ASP B 4  ? 0.1555 0.1872 0.1813 -0.0228 0.0183  0.0564  4   ASP B OD1  
260 O OD2  . ASP B 4  ? 0.1747 0.1806 0.2237 -0.0138 -0.0060 0.0281  4   ASP B OD2  
261 H H    . ASP B 4  ? 0.1160 0.1405 0.1085 -0.0080 0.0039  0.0596  4   ASP B H    
262 H HA   . ASP B 4  ? 0.1205 0.1556 0.1199 -0.0155 0.0038  0.0660  4   ASP B HA   
263 H HB2  . ASP B 4  ? 0.1437 0.1658 0.1485 -0.0205 0.0052  0.0552  4   ASP B HB2  
264 H HB3  . ASP B 4  ? 0.1389 0.1662 0.1549 -0.0186 0.0053  0.0524  4   ASP B HB3  
265 N N    . PRO B 5  ? 0.1120 0.1509 0.1452 -0.0096 -0.0217 0.0553  5   PRO B N    
266 C CA   . PRO B 5  ? 0.1135 0.1485 0.1759 -0.0069 -0.0075 0.0770  5   PRO B CA   
267 C C    . PRO B 5  ? 0.1102 0.1521 0.1197 -0.0112 -0.0031 0.0589  5   PRO B C    
268 O O    . PRO B 5  ? 0.1334 0.1806 0.1270 -0.0118 0.0036  0.0777  5   PRO B O    
269 C CB   . PRO B 5  ? 0.1423 0.1673 0.2485 0.0086  -0.0521 0.0045  5   PRO B CB   
270 C CG   . PRO B 5  ? 0.2891 0.2257 0.1712 0.0070  -0.0497 0.0047  5   PRO B CG   
271 C CD   . PRO B 5  ? 0.1420 0.1738 0.1521 -0.0036 -0.0365 0.0347  5   PRO B CD   
272 H HA   . PRO B 5  ? 0.1155 0.1483 0.1572 -0.0084 -0.0128 0.0639  5   PRO B HA   
273 H HB2  . PRO B 5  ? 0.1542 0.1707 0.2070 0.0072  -0.0342 0.0246  5   PRO B HB2  
274 H HB3  . PRO B 5  ? 0.1620 0.1742 0.2108 0.0068  -0.0370 0.0246  5   PRO B HB3  
275 H HG2  . PRO B 5  ? 0.2442 0.2049 0.2039 0.0164  -0.0636 0.0036  5   PRO B HG2  
276 H HG3  . PRO B 5  ? 0.2319 0.2045 0.2017 0.0120  -0.0382 0.0173  5   PRO B HG3  
277 H HD2  . PRO B 5  ? 0.1513 0.1756 0.1511 -0.0033 -0.0333 0.0359  5   PRO B HD2  
278 H HD3  . PRO B 5  ? 0.1429 0.1741 0.1500 -0.0041 -0.0317 0.0365  5   PRO B HD3  
279 N N    . ARG B 6  ? 0.1004 0.1574 0.1152 -0.0049 0.0086  0.0700  6   ARG B N    
280 C CA   . ARG B 6  ? 0.1013 0.1624 0.0933 -0.0070 0.0168  0.0544  6   ARG B CA   
281 C C    . ARG B 6  ? 0.0962 0.1574 0.0994 -0.0081 0.0017  0.0570  6   ARG B C    
282 O O    . ARG B 6  ? 0.1149 0.1657 0.1144 -0.0148 0.0157  0.0661  6   ARG B O    
283 C CB   . ARG B 6  ? 0.1203 0.1905 0.1191 0.0082  0.0072  0.0464  6   ARG B CB   
284 C CG   . ARG B 6  ? 0.1257 0.1761 0.1353 -0.0041 0.0158  0.0391  6   ARG B CG   
285 C CD   . ARG B 6  ? 0.1218 0.1881 0.1081 0.0076  0.0104  0.0327  6   ARG B CD   
286 N NE   . ARG B 6  ? 0.1358 0.1870 0.1371 -0.0143 0.0041  0.0527  6   ARG B NE   
287 C CZ   . ARG B 6  ? 0.1203 0.2215 0.1162 0.0162  0.0271  0.0405  6   ARG B CZ   
288 N NH1  . ARG B 6  ? 0.1815 0.2606 0.1149 0.0234  0.0125  0.0021  6   ARG B NH1  
289 N NH2  . ARG B 6  ? 0.1684 0.1969 0.1357 -0.0130 0.0135  0.0334  6   ARG B NH2  
290 H H    . ARG B 6  ? 0.1028 0.1546 0.1136 -0.0085 0.0076  0.0650  6   ARG B H    
291 H HA   . ARG B 6  ? 0.1031 0.1608 0.1002 -0.0066 0.0126  0.0601  6   ARG B HA   
292 H HB2  . ARG B 6  ? 0.1177 0.1840 0.1213 0.0024  0.0088  0.0412  6   ARG B HB2  
293 H HB3  . ARG B 6  ? 0.1218 0.1802 0.1170 0.0017  0.0116  0.0462  6   ARG B HB3  
294 H HG2  . ARG B 6  ? 0.1249 0.1823 0.1258 0.0011  0.0128  0.0416  6   ARG B HG2  
295 H HG3  . ARG B 6  ? 0.1246 0.1849 0.1335 0.0018  0.0141  0.0412  6   ARG B HG3  
296 H HD2  . ARG B 6  ? 0.1245 0.1874 0.1182 0.0001  0.0095  0.0376  6   ARG B HD2  
297 H HD3  . ARG B 6  ? 0.1248 0.1845 0.1068 -0.0006 0.0084  0.0369  6   ARG B HD3  
298 H HE   . ARG B 6  ? 0.1321 0.1960 0.1259 -0.0021 0.0117  0.0432  6   ARG B HE   
299 H HH11 . ARG B 6  ? 0.1606 0.2476 0.1169 0.0095  0.0156  0.0192  6   ARG B HH11 
300 H HH12 . ARG B 6  ? 0.1589 0.2387 0.1134 0.0152  0.0154  0.0140  6   ARG B HH12 
301 H HH21 . ARG B 6  ? 0.1580 0.2058 0.1342 -0.0052 0.0216  0.0330  6   ARG B HH21 
302 H HH22 . ARG B 6  ? 0.1523 0.2048 0.1269 -0.0037 0.0179  0.0331  6   ARG B HH22 
303 N N    . DVA B 7  ? 0.1016 0.1440 0.0964 -0.0121 0.0130  0.0501  7   DVA B N    
304 C CA   . DVA B 7  ? 0.1102 0.1366 0.1041 -0.0157 0.0132  0.0545  7   DVA B CA   
305 C CB   . DVA B 7  ? 0.1082 0.1451 0.0977 -0.0080 0.0189  0.0528  7   DVA B CB   
306 C CG1  . DVA B 7  ? 0.1192 0.1757 0.1002 -0.0131 0.0126  0.0486  7   DVA B CG1  
307 C CG2  . DVA B 7  ? 0.1202 0.1641 0.1487 0.0039  0.0250  0.0699  7   DVA B CG2  
308 C C    . DVA B 7  ? 0.1332 0.1399 0.1249 -0.0119 0.0111  0.0380  7   DVA B C    
309 O O    . DVA B 7  ? 0.1892 0.1538 0.1090 -0.0330 0.0161  0.0243  7   DVA B O    
310 H H    . DVA B 7  ? 0.1027 0.1454 0.0999 -0.0115 0.0101  0.0529  7   DVA B H    
311 H HA   . DVA B 7  ? 0.1128 0.1371 0.1031 -0.0144 0.0147  0.0547  7   DVA B HA   
312 H HB   . DVA B 7  ? 0.1127 0.1469 0.1044 -0.0100 0.0188  0.0579  7   DVA B HB   
313 H HG11 . DVA B 7  ? 0.1176 0.1673 0.1011 -0.0121 0.0155  0.0495  7   DVA B HG11 
314 H HG12 . DVA B 7  ? 0.1166 0.1681 0.1043 -0.0121 0.0138  0.0472  7   DVA B HG12 
315 H HG13 . DVA B 7  ? 0.1174 0.1730 0.1006 -0.0154 0.0152  0.0486  7   DVA B HG13 
316 H HG21 . DVA B 7  ? 0.1260 0.1569 0.1341 0.0010  0.0272  0.0633  7   DVA B HG21 
317 H HG22 . DVA B 7  ? 0.1195 0.1561 0.1474 -0.0008 0.0186  0.0659  7   DVA B HG22 
318 H HG23 . DVA B 7  ? 0.1198 0.1591 0.1322 0.0011  0.0203  0.0603  7   DVA B HG23 
319 N N    . ASP B 8  ? 0.1383 0.1511 0.1416 -0.0270 0.0078  0.0250  8   ASP B N    
320 C CA   . ASP B 8  ? 0.1900 0.1816 0.1614 -0.0367 0.0408  -0.0011 8   ASP B CA   
321 C C    . ASP B 8  ? 0.1395 0.2175 0.1780 0.0100  -0.0054 -0.0500 8   ASP B C    
322 O O    . ASP B 8  ? 0.1678 0.2238 0.2153 -0.0477 0.0203  -0.0265 8   ASP B O    
323 C CB   . ASP B 8  ? 0.1467 0.3042 0.2451 -0.0606 0.0338  -0.0773 8   ASP B CB   
324 C CG   . ASP B 8  ? 0.2320 0.3054 0.2426 0.0001  0.0150  -0.0391 8   ASP B CG   
325 O OD1  . ASP B 8  ? 0.2807 0.4211 0.1782 -0.0505 -0.0056 0.0040  8   ASP B OD1  
326 O OD2  . ASP B 8  ? 0.2883 0.4193 0.3304 0.0572  0.0026  -0.1153 8   ASP B OD2  
327 H H    . ASP B 8  ? 0.1459 0.1558 0.1413 -0.0237 0.0141  0.0231  8   ASP B H    
328 H HA   . ASP B 8  ? 0.1618 0.1904 0.1598 -0.0264 0.0202  -0.0023 8   ASP B HA   
329 H HB2  . ASP B 8  ? 0.1542 0.2565 0.2172 -0.0545 0.0282  -0.0453 8   ASP B HB2  
330 H HB3  . ASP B 8  ? 0.1976 0.3045 0.2480 -0.0475 0.0386  -0.0733 8   ASP B HB3  
331 N N    . PRO B 9  ? 0.1676 0.1942 0.1472 -0.0145 0.0075  0.0130  9   PRO B N    
332 C CA   . PRO B 9  ? 0.1536 0.2161 0.1273 -0.0196 0.0157  0.0045  9   PRO B CA   
333 C C    . PRO B 9  ? 0.1833 0.1796 0.1211 -0.0093 0.0504  0.0234  9   PRO B C    
334 O O    . PRO B 9  ? 0.2026 0.1941 0.1163 0.0050  -0.0093 0.0136  9   PRO B O    
335 C CB   . PRO B 9  ? 0.2010 0.2287 0.1243 0.0183  -0.0005 0.0021  9   PRO B CB   
336 C CG   . PRO B 9  ? 0.1709 0.2065 0.1856 0.0040  -0.0028 0.0018  9   PRO B CG   
337 C CD   . PRO B 9  ? 0.1682 0.1898 0.2240 -0.0051 -0.0183 0.0043  9   PRO B CD   
338 H HA   . PRO B 9  ? 0.1715 0.2147 0.1338 -0.0145 0.0186  0.0063  9   PRO B HA   
339 H HB2  . PRO B 9  ? 0.1982 0.2203 0.1375 0.0090  0.0087  0.0039  9   PRO B HB2  
340 H HB3  . PRO B 9  ? 0.1844 0.2194 0.1251 0.0062  0.0009  0.0035  9   PRO B HB3  
341 H HG2  . PRO B 9  ? 0.1778 0.2078 0.1844 0.0046  -0.0034 0.0009  9   PRO B HG2  
342 H HG3  . PRO B 9  ? 0.1769 0.2059 0.1812 0.0051  -0.0059 0.0026  9   PRO B HG3  
343 H HD2  . PRO B 9  ? 0.1705 0.2012 0.2052 -0.0018 -0.0109 -0.0008 9   PRO B HD2  
344 H HD3  . PRO B 9  ? 0.1696 0.1945 0.2049 -0.0038 -0.0021 0.0093  9   PRO B HD3  
345 N N    . ARG B 10 ? 0.1640 0.2285 0.1055 -0.0335 -0.0019 0.0269  10  ARG B N    
346 C CA   A ARG B 10 ? 0.1329 0.2619 0.0762 0.0095  0.0146  -0.0061 10  ARG B CA   
347 C CA   B ARG B 10 ? 0.1362 0.3033 0.0755 0.0001  -0.0068 0.0298  10  ARG B CA   
348 C C    . ARG B 10 ? 0.1431 0.2386 0.0613 0.0073  0.0281  -0.0152 10  ARG B C    
349 O O    . ARG B 10 ? 0.1628 0.3552 0.0880 -0.0131 0.0195  0.0074  10  ARG B O    
350 C CB   A ARG B 10 ? 0.1504 0.3196 0.1580 0.0617  0.0037  0.0093  10  ARG B CB   
351 C CB   B ARG B 10 ? 0.1583 0.2996 0.0751 0.0138  0.0063  0.1086  10  ARG B CB   
352 C CG   A ARG B 10 ? 0.1979 0.3507 0.2584 0.0611  0.0474  0.0135  10  ARG B CG   
353 C CG   B ARG B 10 ? 0.1515 0.3924 0.1580 0.0094  -0.0751 0.0843  10  ARG B CG   
354 C CD   A ARG B 10 ? 0.2032 0.2946 0.3752 0.0490  0.0310  0.0541  10  ARG B CD   
355 C CD   B ARG B 10 ? 0.4489 0.5884 0.0806 0.2369  -0.0409 -0.0997 10  ARG B CD   
356 N NE   A ARG B 10 ? 0.1718 0.3306 0.3807 0.0324  0.0210  -0.0330 10  ARG B NE   
357 N NE   B ARG B 10 ? 0.4344 0.4931 0.6245 -0.0102 0.2438  0.1736  10  ARG B NE   
358 C CZ   A ARG B 10 ? 0.2047 0.3492 0.1681 0.0432  -0.0041 -0.0069 10  ARG B CZ   
359 C CZ   B ARG B 10 ? 0.4953 0.4545 0.8312 -0.2149 0.0549  0.4704  10  ARG B CZ   
360 N NH1  A ARG B 10 ? 0.1944 0.3890 0.2946 0.0533  -0.0025 -0.0275 10  ARG B NH1  
361 N NH1  B ARG B 10 ? 0.9846 0.6752 0.2662 0.3975  0.0494  0.0522  10  ARG B NH1  
362 N NH2  A ARG B 10 ? 0.3975 0.3095 0.3019 0.0982  -0.0295 0.0557  10  ARG B NH2  
363 N NH2  B ARG B 10 ? 1.6330 0.2443 0.8617 -0.2455 -0.3866 0.2010  10  ARG B NH2  
364 H H    . ARG B 10 ? 0.1568 0.2383 0.0959 -0.0125 0.0102  0.0215  10  ARG B H    
365 H HA   A ARG B 10 ? 0.1454 0.2548 0.0948 0.0097  0.0134  0.0040  10  ARG B HA   
366 H HA   B ARG B 10 ? 0.1467 0.2722 0.0921 0.0003  0.0034  0.0228  10  ARG B HA   
367 H HB2  A ARG B 10 ? 0.1573 0.3035 0.1561 0.0401  0.0173  0.0052  10  ARG B HB2  
368 H HB2  B ARG B 10 ? 0.1513 0.2891 0.0786 0.0042  -0.0081 0.1055  10  ARG B HB2  
369 H HB3  A ARG B 10 ? 0.1593 0.3071 0.1556 0.0468  0.0206  0.0086  10  ARG B HB3  
370 H HB3  B ARG B 10 ? 0.1526 0.3094 0.0991 0.0101  -0.0079 0.0899  10  ARG B HB3  
371 H HG2  A ARG B 10 ? 0.1812 0.3279 0.2549 0.0553  0.0267  0.0193  10  ARG B HG2  
372 H HG2  B ARG B 10 ? 0.1964 0.3726 0.1470 0.0395  -0.0477 0.0692  10  ARG B HG2  
373 H HG3  A ARG B 10 ? 0.1786 0.3492 0.2382 0.0572  0.0278  0.0088  10  ARG B HG3  
374 H HG3  B ARG B 10 ? 0.1929 0.3549 0.1512 0.0324  -0.0375 0.0642  10  ARG B HG3  
375 H HD2  A ARG B 10 ? 0.1973 0.3162 0.3775 0.0427  0.0232  0.0402  10  ARG B HD2  
376 H HD2  B ARG B 10 ? 0.3409 0.5276 0.1105 0.0924  -0.0866 0.0175  10  ARG B HD2  
377 H HD3  A ARG B 10 ? 0.2024 0.2875 0.3401 0.0472  0.0264  0.0263  10  ARG B HD3  
378 H HD3  B ARG B 10 ? 0.4716 0.5221 0.1953 0.1484  -0.0439 0.0146  10  ARG B HD3  
379 H HE   A ARG B 10 ? 0.1940 0.3252 0.3189 0.0390  0.0127  -0.0132 10  ARG B HE   
380 H HE   B ARG B 10 ? 0.5074 0.7446 0.5060 0.1163  0.1547  0.1775  10  ARG B HE   
381 H HH11 A ARG B 10 ? 0.2041 0.3891 0.2499 0.0508  -0.0016 -0.0180 10  ARG B HH11 
382 H HH11 B ARG B 10 ? 0.9310 0.8107 0.3754 0.4113  0.2510  0.0690  10  ARG B HH11 
383 H HH12 A ARG B 10 ? 0.2045 0.3698 0.2487 0.0492  -0.0006 -0.0191 10  ARG B HH12 
384 H HH12 B ARG B 10 ? 0.9358 0.6663 0.4889 0.3065  0.1194  0.1564  10  ARG B HH12 
385 H HH21 A ARG B 10 ? 0.3776 0.3370 0.2614 0.1004  -0.0370 0.0201  10  ARG B HH21 
386 H HH21 B ARG B 10 ? 1.4852 0.4705 1.1123 -0.2216 -0.0654 0.3308  10  ARG B HH21 
387 H HH22 A ARG B 10 ? 0.3360 0.3379 0.2551 0.0608  -0.0315 0.0322  10  ARG B HH22 
388 H HH22 B ARG B 10 ? 1.2846 0.5801 0.6593 -0.5269 -0.3280 0.2835  10  ARG B HH22 
389 N N    . DVA B 11 ? 0.1116 0.1504 0.0720 0.0025  0.0218  0.0105  11  DVA B N    
390 C CA   . DVA B 11 ? 0.1121 0.1536 0.0863 -0.0042 0.0294  0.0146  11  DVA B CA   
391 C CB   . DVA B 11 ? 0.1290 0.1625 0.1625 -0.0073 0.0190  -0.0089 11  DVA B CB   
392 C CG1  . DVA B 11 ? 0.1878 0.1620 0.2212 0.0080  0.0032  -0.0056 11  DVA B CG1  
393 C CG2  . DVA B 11 ? 0.1428 0.1660 0.2742 -0.0159 0.0198  -0.0211 11  DVA B CG2  
394 C C    . DVA B 11 ? 0.1061 0.1453 0.0766 -0.0053 0.0121  0.0056  11  DVA B C    
395 O O    . DVA B 11 ? 0.1306 0.1749 0.0704 0.0097  0.0201  0.0091  11  DVA B O    
396 H H    . DVA B 11 ? 0.1179 0.1762 0.0699 0.0024  0.0257  0.0067  11  DVA B H    
397 H HA   . DVA B 11 ? 0.1129 0.1559 0.0811 -0.0036 0.0255  0.0091  11  DVA B HA   
398 H HB   . DVA B 11 ? 0.1314 0.1573 0.1644 -0.0050 0.0187  -0.0027 11  DVA B HB   
399 H HG11 . DVA B 11 ? 0.1705 0.1669 0.2057 0.0055  0.0091  -0.0033 11  DVA B HG11 
400 H HG12 . DVA B 11 ? 0.1703 0.1626 0.2201 0.0046  0.0061  -0.0103 11  DVA B HG12 
401 H HG13 . DVA B 11 ? 0.1889 0.1620 0.1991 0.0083  0.0050  -0.0062 11  DVA B HG13 
402 H HG21 . DVA B 11 ? 0.1404 0.1645 0.2341 -0.0152 0.0185  -0.0142 11  DVA B HG21 
403 H HG22 . DVA B 11 ? 0.1432 0.1709 0.2409 -0.0234 0.0268  -0.0228 11  DVA B HG22 
404 H HG23 . DVA B 11 ? 0.1411 0.1636 0.2583 -0.0175 0.0073  -0.0063 11  DVA B HG23 
405 N N    . ASP B 12 ? 0.1160 0.1460 0.0640 0.0047  0.0163  0.0122  12  ASP B N    
406 C CA   . ASP B 12 ? 0.1152 0.1478 0.0700 0.0082  0.0099  0.0148  12  ASP B CA   
407 C C    . ASP B 12 ? 0.1323 0.1384 0.0753 0.0210  0.0050  0.0270  12  ASP B C    
408 O O    . ASP B 12 ? 0.1532 0.1441 0.0818 0.0244  0.0177  0.0204  12  ASP B O    
409 C CB   . ASP B 12 ? 0.1236 0.1692 0.0902 0.0159  -0.0032 0.0073  12  ASP B CB   
410 C CG   . ASP B 12 ? 0.1351 0.1500 0.0959 0.0124  -0.0006 -0.0006 12  ASP B CG   
411 O OD1  . ASP B 12 ? 0.1646 0.1671 0.1163 0.0021  -0.0228 0.0269  12  ASP B OD1  
412 O OD2  . ASP B 12 ? 0.1522 0.1528 0.1280 0.0207  -0.0170 -0.0014 12  ASP B OD2  
413 H H    . ASP B 12 ? 0.1136 0.1463 0.0631 0.0032  0.0136  0.0123  12  ASP B H    
414 H HA   . ASP B 12 ? 0.1188 0.1494 0.0708 0.0089  0.0103  0.0163  12  ASP B HA   
415 H HB2  . ASP B 12 ? 0.1241 0.1649 0.0900 0.0135  0.0004  0.0109  12  ASP B HB2  
416 H HB3  . ASP B 12 ? 0.1264 0.1609 0.0917 0.0144  -0.0021 0.0068  12  ASP B HB3  
417 S S    . SO4 C .  ? 0.1474 0.2931 0.4755 0.0182  -0.0300 -0.1918 101 SO4 A S    
418 O O1   . SO4 C .  ? 0.2618 0.6540 0.6322 0.1306  0.0368  0.1409  101 SO4 A O1   
419 O O2   . SO4 C .  ? 0.1177 0.2700 0.4774 0.0494  -0.0978 -0.2207 101 SO4 A O2   
420 O O3   . SO4 C .  ? 0.1481 0.1943 0.4717 0.0303  -0.0484 -0.1771 101 SO4 A O3   
421 O O4   . SO4 C .  ? 0.1412 0.2228 0.4731 0.0312  -0.0368 -0.1592 101 SO4 A O4   
422 O O    A HOH D .  ? 0.3575 0.3284 0.1601 0.0816  0.0149  -0.0008 201 HOH A O    
423 O O    B HOH D .  ? 0.3527 0.2740 0.1193 0.0870  0.0814  0.0578  201 HOH A O    
424 O O    . HOH D .  ? 0.4374 0.3350 0.2386 0.1325  0.0048  -0.0250 202 HOH A O    
425 O O    . HOH D .  ? 0.2032 0.1897 0.1261 -0.0197 0.0274  0.0413  203 HOH A O    
426 O O    . HOH D .  ? 0.2168 0.1904 0.1168 -0.0377 0.0204  0.0325  204 HOH A O    
427 O O    . HOH D .  ? 0.1372 0.1937 0.3962 0.0041  0.0301  -0.0153 205 HOH A O    
428 O O    . HOH D .  ? 0.4410 0.5094 0.2616 -0.0647 0.0785  0.1101  206 HOH A O    
429 O O    . HOH D .  ? 0.2887 0.7636 0.2938 0.1277  -0.1147 -0.2093 207 HOH A O    
430 O O    . HOH D .  ? 0.8496 0.4128 0.3096 0.2144  0.0738  -0.0032 208 HOH A O    
431 O O    . HOH D .  ? 0.2120 0.2381 0.0969 -0.0617 -0.0130 0.0243  209 HOH A O    
432 O O    . HOH D .  ? 0.4804 0.4825 0.6260 -0.0469 0.3585  -0.1589 210 HOH A O    
433 O O    . HOH D .  ? 0.2916 0.4974 0.2881 0.0167  -0.0678 0.0376  211 HOH A O    
434 O O    . HOH D .  ? 0.3561 0.3458 0.3942 0.0032  0.0691  -0.0037 212 HOH A O    
435 O O    . HOH D .  ? 0.9192 0.4447 0.3711 0.0746  0.2068  0.1275  213 HOH A O    
436 O O    . HOH D .  ? 0.2528 1.0407 0.4465 0.1006  0.0631  -0.0058 214 HOH A O    
437 O O    . HOH E .  ? 0.1595 0.6511 0.1994 -0.0028 -0.0019 -0.1590 101 HOH B O    
438 O O    . HOH E .  ? 0.3191 0.2711 0.1678 -0.0260 -0.0004 0.0302  102 HOH B O    
439 O O    . HOH E .  ? 0.3306 0.2461 0.4694 -0.0432 -0.1063 0.2056  103 HOH B O    
440 O O    . HOH E .  ? 0.1861 0.1918 0.1531 -0.0120 0.0001  0.0374  104 HOH B O    
441 O O    . HOH E .  ? 0.2892 0.4645 0.2153 -0.0581 0.0194  0.0848  105 HOH B O    
442 O O    . HOH E .  ? 0.2828 0.2831 0.1412 -0.0745 0.0195  0.0175  106 HOH B O    
443 O O    . HOH E .  ? 0.2727 0.1918 0.2365 -0.0277 0.1023  -0.0017 107 HOH B O    
444 O O    . HOH E .  ? 0.3415 0.6019 0.2646 -0.1486 -0.1131 0.1952  108 HOH B O    
445 O O    . HOH E .  ? 0.7680 0.4947 0.4673 0.0393  0.3561  0.0568  109 HOH B O    
446 O O    . HOH E .  ? 0.1636 0.1709 0.0825 0.0018  0.0177  0.0164  110 HOH B O    
447 O O    A HOH E .  ? 0.1563 0.2713 0.4594 0.0001  -0.0830 0.0422  111 HOH B O    
448 O O    B HOH E .  ? 0.1751 0.2747 0.3812 -0.0464 -0.0529 0.1616  111 HOH B O    
449 O O    . HOH E .  ? 0.2689 0.2125 0.2467 0.0045  0.0683  0.0325  112 HOH B O    
450 O O    . HOH E .  ? 0.3240 0.3325 0.2005 -0.0923 -0.0599 0.1024  113 HOH B O    
451 O O    . HOH E .  ? 0.6978 0.3866 0.2385 0.0717  0.0346  0.0433  114 HOH B O    
# 
